data_4XM4
#
_entry.id   4XM4
#
_cell.length_a   43.754
_cell.length_b   96.087
_cell.length_c   194.764
_cell.angle_alpha   90.00
_cell.angle_beta   90.00
_cell.angle_gamma   90.00
#
_symmetry.space_group_name_H-M   'P 21 21 21'
#
_entity_poly.entity_id   1
_entity_poly.type   'polypeptide(L)'
_entity_poly.pdbx_seq_one_letter_code
;SMPALSSQSKLSQAAQETKQKLTSCLARRYNAEQKLLDLSALGTDETLSSLGSFNNQSLAEKSFKALMHLVSNEYKDPEQ
KNEAIQAVSLARNDILDVGQVYSLAVTLPRLRRLDLSGNNLENLSKISKWQQEFRFLEELHLTGNPVTTLPNYATEIKKW
FPSLQILDGQQIRTPQEAAESLKSSFPTPLPQLPSNVRDGENNVASTFLQAFFQLWDHDRLTLIPQFYDSETTFSVVFAT
DSPQDPASSSCSKFSRNLNILSPRHPSTLQRLFVGSNLIADLWKVLPATRHPSLDQTSQWLIDCHTFPHLADPTGMAPYA
MGLMINVNGQCEEADISQNLYGTRTFSRCFILGPSKPGAPHPYRVLSDQLTLHTWKPQPAPQVGTV
;
_entity_poly.pdbx_strand_id   A,B,C,D
#
# COMPACT_ATOMS: atom_id res chain seq x y z
N ASN A 203 7.53 23.32 9.87
CA ASN A 203 7.30 21.94 9.44
C ASN A 203 8.04 21.67 8.13
N VAL A 204 9.12 20.88 8.23
CA VAL A 204 9.95 20.60 7.06
C VAL A 204 9.22 19.70 6.06
N ALA A 205 8.39 18.79 6.57
CA ALA A 205 7.66 17.87 5.70
C ALA A 205 6.70 18.62 4.79
N SER A 206 5.95 19.56 5.36
CA SER A 206 4.99 20.34 4.58
C SER A 206 5.71 21.20 3.54
N THR A 207 6.85 21.77 3.94
CA THR A 207 7.68 22.56 3.04
C THR A 207 8.24 21.72 1.90
N PHE A 208 8.61 20.48 2.21
CA PHE A 208 9.18 19.58 1.23
C PHE A 208 8.12 19.04 0.30
N LEU A 209 6.99 18.63 0.85
CA LEU A 209 5.92 18.02 0.06
C LEU A 209 5.26 19.04 -0.85
N GLN A 210 5.08 20.27 -0.37
CA GLN A 210 4.46 21.31 -1.17
C GLN A 210 5.27 21.56 -2.42
N ALA A 211 6.59 21.64 -2.25
CA ALA A 211 7.49 21.85 -3.38
C ALA A 211 7.59 20.59 -4.23
N PHE A 212 7.64 19.43 -3.57
CA PHE A 212 7.84 18.17 -4.26
C PHE A 212 6.71 17.87 -5.23
N PHE A 213 5.47 17.94 -4.74
CA PHE A 213 4.31 17.57 -5.55
C PHE A 213 4.00 18.59 -6.64
N GLN A 214 4.30 19.86 -6.39
CA GLN A 214 4.10 20.90 -7.39
C GLN A 214 5.04 20.64 -8.56
N LEU A 215 6.30 20.31 -8.25
CA LEU A 215 7.28 19.98 -9.28
C LEU A 215 6.94 18.65 -9.96
N TRP A 216 6.52 17.68 -9.16
CA TRP A 216 6.18 16.36 -9.68
C TRP A 216 5.08 16.44 -10.74
N ASP A 217 4.19 17.42 -10.60
CA ASP A 217 3.10 17.62 -11.55
C ASP A 217 3.58 18.25 -12.86
N HIS A 218 4.40 19.29 -12.76
CA HIS A 218 4.75 20.13 -13.91
C HIS A 218 6.18 19.88 -14.43
N ASP A 219 7.15 19.81 -13.53
CA ASP A 219 8.55 19.63 -13.90
C ASP A 219 9.25 18.65 -12.96
N ARG A 220 8.90 17.37 -13.07
CA ARG A 220 9.37 16.38 -12.10
C ARG A 220 10.87 16.08 -12.19
N LEU A 221 11.41 16.06 -13.41
CA LEU A 221 12.82 15.70 -13.58
C LEU A 221 13.75 16.66 -12.83
N THR A 222 13.25 17.84 -12.50
CA THR A 222 14.03 18.82 -11.76
C THR A 222 14.35 18.31 -10.36
N LEU A 223 13.48 17.46 -9.84
CA LEU A 223 13.62 16.93 -8.49
C LEU A 223 14.86 16.06 -8.31
N ILE A 224 15.26 15.37 -9.37
CA ILE A 224 16.34 14.38 -9.26
C ILE A 224 17.68 15.04 -8.91
N PRO A 225 18.11 16.04 -9.70
CA PRO A 225 19.39 16.67 -9.36
C PRO A 225 19.37 17.35 -7.99
N GLN A 226 18.21 17.87 -7.59
CA GLN A 226 18.09 18.59 -6.34
C GLN A 226 18.18 17.69 -5.10
N PHE A 227 17.42 16.60 -5.12
CA PHE A 227 17.26 15.76 -3.93
C PHE A 227 17.80 14.33 -4.07
N TYR A 228 17.99 13.87 -5.29
CA TYR A 228 18.37 12.47 -5.53
C TYR A 228 19.83 12.30 -5.93
N ASP A 229 20.43 11.20 -5.49
CA ASP A 229 21.83 10.90 -5.79
C ASP A 229 22.03 9.42 -6.10
N SER A 230 23.27 9.00 -6.24
CA SER A 230 23.62 7.63 -6.61
C SER A 230 23.20 6.60 -5.56
N GLU A 231 23.13 7.03 -4.30
CA GLU A 231 22.80 6.13 -3.19
C GLU A 231 21.31 5.85 -3.13
N THR A 232 20.51 6.77 -3.67
CA THR A 232 19.06 6.70 -3.58
C THR A 232 18.48 5.50 -4.35
N THR A 233 17.34 5.01 -3.86
CA THR A 233 16.57 3.99 -4.55
C THR A 233 15.12 4.46 -4.65
N PHE A 234 14.46 4.15 -5.77
CA PHE A 234 13.08 4.52 -6.00
C PHE A 234 12.27 3.27 -6.29
N SER A 235 11.12 3.13 -5.65
CA SER A 235 10.28 1.95 -5.79
C SER A 235 8.85 2.30 -6.15
N VAL A 236 8.21 1.44 -6.94
CA VAL A 236 6.80 1.59 -7.26
C VAL A 236 6.08 0.27 -7.10
N VAL A 237 4.99 0.28 -6.33
CA VAL A 237 4.16 -0.91 -6.11
C VAL A 237 2.83 -0.76 -6.84
N PHE A 238 2.47 -1.76 -7.62
CA PHE A 238 1.26 -1.72 -8.44
C PHE A 238 0.68 -3.11 -8.66
N ALA A 239 -0.54 -3.15 -9.20
CA ALA A 239 -1.22 -4.42 -9.47
C ALA A 239 -1.40 -4.64 -10.97
N THR A 240 -1.04 -5.83 -11.43
CA THR A 240 -1.21 -6.19 -12.83
C THR A 240 -2.68 -6.40 -13.22
N ASP A 241 -3.52 -6.65 -12.21
CA ASP A 241 -4.92 -6.99 -12.45
C ASP A 241 -5.74 -5.85 -13.06
N SER A 242 -5.46 -4.63 -12.65
CA SER A 242 -6.27 -3.48 -13.06
C SER A 242 -6.34 -3.35 -14.58
N PRO A 243 -7.55 -3.22 -15.14
CA PRO A 243 -7.73 -3.23 -16.59
C PRO A 243 -7.31 -1.92 -17.26
N GLN A 244 -7.77 -0.80 -16.69
CA GLN A 244 -7.60 0.51 -17.33
C GLN A 244 -6.57 1.36 -16.58
N ASP A 245 -5.70 0.71 -15.83
CA ASP A 245 -4.69 1.42 -15.04
C ASP A 245 -3.54 1.85 -15.95
N PRO A 246 -3.34 3.17 -16.12
CA PRO A 246 -2.25 3.63 -16.98
C PRO A 246 -0.85 3.42 -16.39
N ALA A 247 -0.71 3.69 -15.09
CA ALA A 247 0.60 3.58 -14.43
C ALA A 247 1.10 2.14 -14.40
N SER A 248 0.21 1.20 -14.14
CA SER A 248 0.58 -0.21 -14.05
C SER A 248 1.15 -0.69 -15.38
N SER A 249 0.49 -0.32 -16.47
CA SER A 249 0.95 -0.68 -17.80
C SER A 249 2.29 -0.02 -18.09
N SER A 250 2.43 1.23 -17.66
CA SER A 250 3.67 1.98 -17.85
C SER A 250 4.83 1.31 -17.13
N CYS A 251 4.62 0.93 -15.87
CA CYS A 251 5.64 0.25 -15.10
C CYS A 251 5.91 -1.13 -15.68
N SER A 252 4.85 -1.81 -16.09
CA SER A 252 4.96 -3.15 -16.67
C SER A 252 5.77 -3.14 -17.96
N LYS A 253 5.48 -2.18 -18.84
CA LYS A 253 6.22 -2.07 -20.09
C LYS A 253 7.68 -1.70 -19.84
N PHE A 254 7.90 -0.79 -18.90
CA PHE A 254 9.25 -0.34 -18.56
C PHE A 254 10.12 -1.48 -18.05
N SER A 255 9.58 -2.29 -17.14
CA SER A 255 10.33 -3.39 -16.56
C SER A 255 10.64 -4.46 -17.61
N ARG A 256 9.67 -4.70 -18.48
CA ARG A 256 9.82 -5.69 -19.55
C ARG A 256 10.93 -5.29 -20.53
N ASN A 257 10.95 -4.01 -20.90
CA ASN A 257 11.92 -3.50 -21.86
C ASN A 257 13.36 -3.65 -21.39
N LEU A 258 13.59 -3.44 -20.11
CA LEU A 258 14.92 -3.61 -19.52
C LEU A 258 15.11 -5.00 -18.91
N ASN A 259 14.16 -5.89 -19.13
CA ASN A 259 14.26 -7.27 -18.67
C ASN A 259 14.29 -7.38 -17.14
N ILE A 260 13.91 -6.31 -16.46
CA ILE A 260 13.94 -6.25 -15.00
C ILE A 260 12.83 -7.09 -14.38
N LEU A 261 11.71 -7.20 -15.09
CA LEU A 261 10.51 -7.85 -14.58
C LEU A 261 10.73 -9.31 -14.21
N SER A 262 10.11 -9.73 -13.11
CA SER A 262 10.11 -11.14 -12.71
C SER A 262 8.65 -11.60 -12.63
N PRO A 263 8.30 -12.69 -13.33
CA PRO A 263 6.91 -13.17 -13.30
C PRO A 263 6.41 -13.62 -11.93
N ARG A 264 5.17 -13.26 -11.64
CA ARG A 264 4.47 -13.68 -10.44
C ARG A 264 3.01 -13.94 -10.78
N HIS A 265 2.27 -14.48 -9.82
CA HIS A 265 0.84 -14.71 -10.01
C HIS A 265 0.15 -13.36 -10.23
N PRO A 266 -0.86 -13.32 -11.10
CA PRO A 266 -1.56 -12.04 -11.36
C PRO A 266 -2.07 -11.39 -10.07
N SER A 267 -2.63 -12.19 -9.17
CA SER A 267 -3.13 -11.71 -7.89
C SER A 267 -2.01 -11.09 -7.06
N THR A 268 -0.82 -11.68 -7.15
CA THR A 268 0.33 -11.20 -6.39
C THR A 268 0.72 -9.80 -6.85
N LEU A 269 1.07 -8.95 -5.90
CA LEU A 269 1.42 -7.57 -6.21
C LEU A 269 2.81 -7.50 -6.79
N GLN A 270 3.05 -6.48 -7.61
CA GLN A 270 4.33 -6.31 -8.28
C GLN A 270 5.03 -5.05 -7.80
N ARG A 271 6.35 -5.13 -7.63
CA ARG A 271 7.13 -3.96 -7.24
C ARG A 271 8.29 -3.75 -8.21
N LEU A 272 8.47 -2.50 -8.63
CA LEU A 272 9.57 -2.13 -9.51
C LEU A 272 10.49 -1.12 -8.83
N PHE A 273 11.75 -1.49 -8.65
CA PHE A 273 12.71 -0.62 -7.99
C PHE A 273 13.89 -0.34 -8.91
N VAL A 274 14.39 0.88 -8.88
CA VAL A 274 15.44 1.31 -9.80
C VAL A 274 16.52 2.10 -9.09
N GLY A 275 17.73 2.00 -9.61
CA GLY A 275 18.85 2.77 -9.10
C GLY A 275 18.83 4.16 -9.71
N SER A 276 19.77 4.99 -9.29
CA SER A 276 19.82 6.40 -9.69
C SER A 276 19.80 6.62 -11.21
N ASN A 277 20.49 5.77 -11.97
CA ASN A 277 20.57 5.96 -13.42
C ASN A 277 19.23 5.76 -14.11
N LEU A 278 18.41 4.89 -13.56
CA LEU A 278 17.14 4.52 -14.18
C LEU A 278 15.95 5.35 -13.71
N ILE A 279 16.15 6.18 -12.68
CA ILE A 279 15.04 6.93 -12.09
C ILE A 279 14.45 7.92 -13.09
N ALA A 280 15.31 8.67 -13.76
CA ALA A 280 14.86 9.70 -14.70
C ALA A 280 13.99 9.12 -15.81
N ASP A 281 14.45 8.00 -16.38
CA ASP A 281 13.73 7.38 -17.48
C ASP A 281 12.40 6.79 -17.03
N LEU A 282 12.37 6.19 -15.84
CA LEU A 282 11.13 5.63 -15.32
C LEU A 282 10.12 6.72 -15.03
N TRP A 283 10.59 7.83 -14.44
CA TRP A 283 9.73 8.95 -14.10
C TRP A 283 9.10 9.58 -15.33
N LYS A 284 9.83 9.56 -16.44
CA LYS A 284 9.35 10.09 -17.71
C LYS A 284 8.11 9.32 -18.18
N VAL A 285 8.18 7.99 -18.06
CA VAL A 285 7.12 7.11 -18.56
C VAL A 285 5.82 7.25 -17.74
N LEU A 286 5.95 7.54 -16.45
CA LEU A 286 4.79 7.60 -15.56
C LEU A 286 3.80 8.70 -15.99
N PRO A 287 2.50 8.50 -15.69
CA PRO A 287 1.46 9.43 -16.15
C PRO A 287 1.61 10.86 -15.62
N ALA A 288 1.07 11.81 -16.37
CA ALA A 288 1.00 13.19 -15.91
C ALA A 288 0.01 13.28 -14.78
N THR A 289 0.34 14.05 -13.74
CA THR A 289 -0.48 14.13 -12.55
C THR A 289 -0.75 15.57 -12.11
N ARG A 290 -1.96 15.81 -11.60
CA ARG A 290 -2.29 17.07 -10.98
C ARG A 290 -2.75 16.80 -9.54
N HIS A 291 -1.96 17.27 -8.59
CA HIS A 291 -2.22 17.02 -7.18
C HIS A 291 -2.95 18.22 -6.55
N PRO A 292 -3.90 17.94 -5.65
CA PRO A 292 -4.55 19.04 -4.92
C PRO A 292 -3.56 19.74 -3.99
N SER A 293 -3.75 21.04 -3.77
CA SER A 293 -2.89 21.79 -2.87
C SER A 293 -3.00 21.24 -1.46
N LEU A 294 -1.91 21.31 -0.71
CA LEU A 294 -1.89 20.82 0.66
C LEU A 294 -2.79 21.66 1.56
N ASP A 295 -3.24 22.80 1.05
CA ASP A 295 -4.17 23.65 1.76
C ASP A 295 -5.46 22.89 2.08
N GLN A 296 -5.84 21.99 1.17
CA GLN A 296 -7.01 21.16 1.37
C GLN A 296 -6.67 19.99 2.28
N THR A 297 -6.97 20.14 3.56
CA THR A 297 -6.61 19.14 4.56
C THR A 297 -7.29 17.81 4.28
N SER A 298 -8.50 17.84 3.74
CA SER A 298 -9.26 16.62 3.50
C SER A 298 -8.59 15.66 2.54
N GLN A 299 -7.88 16.21 1.54
CA GLN A 299 -7.25 15.41 0.50
C GLN A 299 -6.00 14.65 0.96
N TRP A 300 -5.24 15.27 1.85
CA TRP A 300 -3.95 14.73 2.30
C TRP A 300 -3.96 14.26 3.75
N LEU A 301 -3.31 13.12 4.01
CA LEU A 301 -2.96 12.72 5.37
C LEU A 301 -1.44 12.54 5.43
N ILE A 302 -0.79 13.41 6.18
CA ILE A 302 0.68 13.46 6.24
C ILE A 302 1.23 13.20 7.63
N ASP A 303 2.18 12.27 7.72
CA ASP A 303 2.86 11.95 8.97
C ASP A 303 4.36 12.19 8.81
N CYS A 304 4.94 12.87 9.79
CA CYS A 304 6.37 13.17 9.78
C CYS A 304 7.01 12.71 11.10
N HIS A 305 8.06 11.88 10.99
CA HIS A 305 8.71 11.29 12.17
C HIS A 305 10.25 11.36 12.08
N THR A 306 10.89 11.59 13.21
CA THR A 306 12.35 11.57 13.31
C THR A 306 12.89 10.15 13.22
N PHE A 307 14.08 10.01 12.66
CA PHE A 307 14.73 8.72 12.46
C PHE A 307 16.23 8.80 12.81
N PRO A 308 16.56 8.85 14.11
CA PRO A 308 17.93 9.06 14.60
C PRO A 308 18.81 7.80 14.56
N HIS A 309 18.93 7.20 13.37
CA HIS A 309 19.74 6.00 13.20
C HIS A 309 20.74 6.17 12.06
N LEU A 310 20.65 7.29 11.35
CA LEU A 310 21.50 7.55 10.20
C LEU A 310 22.93 7.93 10.57
N ALA A 311 23.88 7.48 9.76
CA ALA A 311 25.29 7.80 9.92
C ALA A 311 25.55 9.24 9.46
N ASP A 312 26.64 9.82 9.95
CA ASP A 312 27.01 11.18 9.60
C ASP A 312 28.04 11.16 8.46
N PRO A 313 27.68 11.74 7.30
CA PRO A 313 28.64 11.80 6.19
C PRO A 313 29.91 12.56 6.53
N THR A 314 29.78 13.65 7.30
CA THR A 314 30.93 14.47 7.66
C THR A 314 31.86 13.71 8.60
N GLY A 315 31.29 12.89 9.47
CA GLY A 315 32.07 12.17 10.48
C GLY A 315 32.31 13.00 11.72
N MET A 316 31.73 14.20 11.75
CA MET A 316 31.89 15.12 12.87
C MET A 316 31.18 14.60 14.11
N ALA A 317 30.01 14.00 13.92
CA ALA A 317 29.19 13.52 15.02
C ALA A 317 28.98 12.02 14.90
N PRO A 318 28.66 11.34 16.02
CA PRO A 318 28.45 9.89 15.96
C PRO A 318 27.24 9.49 15.11
N TYR A 319 26.11 10.17 15.32
CA TYR A 319 24.88 9.88 14.58
C TYR A 319 24.42 11.10 13.80
N ALA A 320 23.58 10.88 12.80
CA ALA A 320 22.95 11.96 12.03
C ALA A 320 21.44 11.87 12.10
N MET A 321 20.78 13.00 12.26
CA MET A 321 19.32 13.03 12.34
C MET A 321 18.70 12.66 10.99
N GLY A 322 17.69 11.80 11.04
CA GLY A 322 16.99 11.36 9.84
C GLY A 322 15.50 11.67 9.93
N LEU A 323 14.91 11.99 8.78
CA LEU A 323 13.49 12.33 8.72
C LEU A 323 12.73 11.35 7.84
N MET A 324 11.67 10.77 8.38
CA MET A 324 10.82 9.83 7.66
C MET A 324 9.44 10.45 7.41
N ILE A 325 9.06 10.58 6.14
CA ILE A 325 7.80 11.21 5.76
C ILE A 325 6.89 10.25 5.02
N ASN A 326 5.71 10.02 5.58
CA ASN A 326 4.69 9.19 4.95
C ASN A 326 3.52 10.04 4.48
N VAL A 327 3.17 9.89 3.21
CA VAL A 327 2.12 10.69 2.59
C VAL A 327 1.00 9.82 2.03
N ASN A 328 -0.23 10.08 2.50
CA ASN A 328 -1.42 9.53 1.90
C ASN A 328 -2.15 10.63 1.16
N GLY A 329 -2.40 10.43 -0.12
CA GLY A 329 -3.02 11.47 -0.94
C GLY A 329 -3.74 10.92 -2.15
N GLN A 330 -4.31 11.82 -2.92
CA GLN A 330 -4.96 11.48 -4.18
C GLN A 330 -4.52 12.45 -5.28
N CYS A 331 -4.67 12.05 -6.53
CA CYS A 331 -4.29 12.91 -7.65
C CYS A 331 -5.06 12.50 -8.89
N GLU A 332 -5.01 13.36 -9.91
CA GLU A 332 -5.66 13.09 -11.19
C GLU A 332 -4.61 12.59 -12.19
N GLU A 333 -4.70 11.32 -12.56
CA GLU A 333 -3.74 10.72 -13.50
C GLU A 333 -4.31 10.70 -14.91
N ALA A 334 -3.55 11.27 -15.85
CA ALA A 334 -3.96 11.32 -17.24
C ALA A 334 -2.84 10.87 -18.16
N ASP A 335 -3.15 9.90 -19.03
CA ASP A 335 -2.22 9.45 -20.06
C ASP A 335 -2.85 9.73 -21.42
N ILE A 336 -2.33 10.75 -22.10
CA ILE A 336 -2.94 11.21 -23.35
C ILE A 336 -2.77 10.22 -24.48
N SER A 337 -1.58 9.63 -24.61
CA SER A 337 -1.29 8.67 -25.66
C SER A 337 -2.26 7.49 -25.62
N GLN A 338 -2.63 7.10 -24.41
CA GLN A 338 -3.60 6.04 -24.19
C GLN A 338 -5.01 6.59 -24.17
N ASN A 339 -5.11 7.90 -23.94
CA ASN A 339 -6.40 8.58 -23.81
C ASN A 339 -7.14 8.08 -22.58
N LEU A 340 -6.39 7.90 -21.49
CA LEU A 340 -6.95 7.45 -20.22
C LEU A 340 -6.89 8.56 -19.17
N TYR A 341 -8.03 8.86 -18.56
CA TYR A 341 -8.12 9.87 -17.53
C TYR A 341 -8.79 9.28 -16.30
N GLY A 342 -8.26 9.58 -15.12
CA GLY A 342 -8.83 9.05 -13.89
C GLY A 342 -8.22 9.65 -12.63
N THR A 343 -8.80 9.27 -11.49
CA THR A 343 -8.32 9.72 -10.18
C THR A 343 -7.58 8.60 -9.46
N ARG A 344 -6.39 8.91 -8.96
CA ARG A 344 -5.51 7.93 -8.31
C ARG A 344 -5.54 8.06 -6.80
N THR A 345 -5.49 6.92 -6.13
CA THR A 345 -5.27 6.85 -4.69
C THR A 345 -3.90 6.22 -4.45
N PHE A 346 -3.06 6.93 -3.70
CA PHE A 346 -1.69 6.48 -3.48
C PHE A 346 -1.23 6.72 -2.05
N SER A 347 -0.19 5.98 -1.67
CA SER A 347 0.51 6.21 -0.42
C SER A 347 2.00 6.27 -0.75
N ARG A 348 2.67 7.33 -0.30
CA ARG A 348 4.08 7.53 -0.60
C ARG A 348 4.92 7.71 0.65
N CYS A 349 6.07 7.02 0.68
CA CYS A 349 6.98 7.09 1.83
C CYS A 349 8.35 7.64 1.42
N PHE A 350 8.82 8.65 2.16
CA PHE A 350 10.13 9.25 1.94
C PHE A 350 11.05 9.01 3.14
N ILE A 351 12.31 8.71 2.86
CA ILE A 351 13.34 8.67 3.90
C ILE A 351 14.41 9.71 3.59
N LEU A 352 14.54 10.70 4.47
CA LEU A 352 15.44 11.81 4.27
C LEU A 352 16.65 11.72 5.19
N GLY A 353 17.84 11.98 4.64
CA GLY A 353 19.07 12.00 5.40
C GLY A 353 19.95 13.15 4.96
N PRO A 354 21.03 13.41 5.69
CA PRO A 354 21.99 14.47 5.34
C PRO A 354 22.64 14.23 3.97
N SER A 355 22.66 15.25 3.12
CA SER A 355 23.18 15.09 1.77
C SER A 355 24.70 14.98 1.74
N LYS A 356 25.23 14.42 0.66
CA LYS A 356 26.67 14.34 0.45
C LYS A 356 27.22 15.72 0.08
N PRO A 357 28.55 15.88 0.12
CA PRO A 357 29.17 17.16 -0.22
C PRO A 357 28.84 17.63 -1.64
N GLY A 358 28.64 18.93 -1.80
CA GLY A 358 28.36 19.52 -3.09
C GLY A 358 26.89 19.40 -3.49
N ALA A 359 26.06 18.96 -2.56
CA ALA A 359 24.64 18.78 -2.85
C ALA A 359 23.92 20.12 -2.90
N PRO A 360 22.89 20.24 -3.74
CA PRO A 360 22.11 21.48 -3.81
C PRO A 360 21.42 21.84 -2.49
N HIS A 361 20.98 20.82 -1.76
CA HIS A 361 20.26 21.00 -0.50
C HIS A 361 20.91 20.23 0.64
N PRO A 362 20.64 20.64 1.89
CA PRO A 362 21.21 19.94 3.05
C PRO A 362 20.73 18.50 3.20
N TYR A 363 19.49 18.23 2.79
CA TYR A 363 18.92 16.90 2.91
C TYR A 363 18.73 16.25 1.54
N ARG A 364 18.83 14.93 1.52
CA ARG A 364 18.67 14.12 0.32
C ARG A 364 17.65 13.01 0.55
N VAL A 365 17.18 12.40 -0.53
CA VAL A 365 16.23 11.29 -0.43
C VAL A 365 16.97 9.96 -0.49
N LEU A 366 17.03 9.27 0.64
CA LEU A 366 17.65 7.96 0.71
C LEU A 366 16.76 6.90 0.06
N SER A 367 15.46 6.99 0.31
CA SER A 367 14.51 6.03 -0.23
C SER A 367 13.18 6.70 -0.58
N ASP A 368 12.61 6.30 -1.71
CA ASP A 368 11.32 6.79 -2.17
C ASP A 368 10.45 5.61 -2.59
N GLN A 369 9.34 5.40 -1.89
CA GLN A 369 8.46 4.27 -2.15
C GLN A 369 7.04 4.73 -2.45
N LEU A 370 6.58 4.45 -3.67
CA LEU A 370 5.25 4.82 -4.14
C LEU A 370 4.37 3.59 -4.30
N THR A 371 3.20 3.60 -3.66
CA THR A 371 2.25 2.50 -3.77
C THR A 371 0.95 2.96 -4.44
N LEU A 372 0.64 2.37 -5.58
CA LEU A 372 -0.56 2.72 -6.34
C LEU A 372 -1.71 1.81 -5.94
N HIS A 373 -2.66 2.36 -5.20
CA HIS A 373 -3.75 1.56 -4.64
C HIS A 373 -4.94 1.41 -5.57
N THR A 374 -5.55 2.52 -5.95
CA THR A 374 -6.78 2.49 -6.74
C THR A 374 -6.79 3.56 -7.82
N TRP A 375 -7.31 3.20 -8.99
CA TRP A 375 -7.46 4.15 -10.08
C TRP A 375 -8.92 4.13 -10.56
N LYS A 376 -9.56 5.29 -10.52
CA LYS A 376 -10.96 5.44 -10.93
C LYS A 376 -11.06 6.19 -12.24
N PRO A 377 -11.55 5.52 -13.31
CA PRO A 377 -11.69 6.19 -14.61
C PRO A 377 -12.61 7.42 -14.57
N GLN A 378 -12.65 8.16 -15.69
CA GLN A 378 -13.47 9.36 -15.84
C GLN A 378 -13.45 10.24 -14.60
N GLY B 200 21.25 -5.37 -3.19
CA GLY B 200 21.41 -6.48 -2.27
C GLY B 200 20.73 -7.76 -2.74
N GLU B 201 21.01 -8.86 -2.05
CA GLU B 201 20.42 -10.15 -2.36
C GLU B 201 19.52 -10.62 -1.21
N ASN B 202 18.54 -11.46 -1.53
CA ASN B 202 17.48 -11.80 -0.59
C ASN B 202 17.65 -13.17 0.08
N ASN B 203 18.89 -13.51 0.44
CA ASN B 203 19.16 -14.74 1.19
C ASN B 203 18.98 -14.52 2.69
N VAL B 204 19.52 -13.42 3.19
CA VAL B 204 19.47 -13.10 4.62
C VAL B 204 18.05 -12.75 5.04
N ALA B 205 17.31 -12.15 4.12
CA ALA B 205 15.93 -11.74 4.37
C ALA B 205 15.04 -12.93 4.68
N SER B 206 15.21 -14.01 3.92
CA SER B 206 14.39 -15.20 4.07
C SER B 206 14.48 -15.78 5.48
N THR B 207 15.65 -15.70 6.09
CA THR B 207 15.81 -16.18 7.47
C THR B 207 14.89 -15.38 8.37
N PHE B 208 14.77 -14.09 8.11
CA PHE B 208 13.91 -13.20 8.89
C PHE B 208 12.44 -13.36 8.52
N LEU B 209 12.16 -13.39 7.22
CA LEU B 209 10.78 -13.40 6.74
C LEU B 209 10.06 -14.72 7.00
N GLN B 210 10.75 -15.84 6.82
CA GLN B 210 10.14 -17.15 7.06
C GLN B 210 9.74 -17.29 8.52
N ALA B 211 10.62 -16.86 9.41
CA ALA B 211 10.37 -16.91 10.85
C ALA B 211 9.32 -15.89 11.26
N PHE B 212 9.36 -14.71 10.66
CA PHE B 212 8.46 -13.62 11.00
C PHE B 212 6.99 -13.97 10.73
N PHE B 213 6.72 -14.46 9.53
CA PHE B 213 5.35 -14.72 9.10
C PHE B 213 4.74 -15.93 9.79
N GLN B 214 5.56 -16.92 10.13
CA GLN B 214 5.06 -18.09 10.84
C GLN B 214 4.58 -17.69 12.23
N LEU B 215 5.38 -16.88 12.91
CA LEU B 215 5.00 -16.36 14.23
C LEU B 215 3.83 -15.40 14.10
N TRP B 216 3.86 -14.56 13.08
CA TRP B 216 2.81 -13.58 12.85
C TRP B 216 1.44 -14.28 12.72
N ASP B 217 1.44 -15.49 12.18
CA ASP B 217 0.20 -16.24 12.03
C ASP B 217 -0.28 -16.80 13.37
N HIS B 218 0.64 -17.36 14.14
CA HIS B 218 0.29 -18.12 15.34
C HIS B 218 0.56 -17.40 16.66
N ASP B 219 1.73 -16.78 16.79
CA ASP B 219 2.12 -16.13 18.04
C ASP B 219 2.80 -14.77 17.83
N ARG B 220 2.01 -13.76 17.52
CA ARG B 220 2.54 -12.45 17.12
C ARG B 220 3.29 -11.76 18.24
N LEU B 221 2.78 -11.89 19.46
CA LEU B 221 3.36 -11.19 20.59
C LEU B 221 4.81 -11.61 20.84
N THR B 222 5.18 -12.80 20.37
CA THR B 222 6.54 -13.32 20.54
C THR B 222 7.58 -12.52 19.75
N LEU B 223 7.16 -11.94 18.62
CA LEU B 223 8.06 -11.21 17.74
C LEU B 223 8.64 -9.96 18.39
N ILE B 224 7.86 -9.34 19.28
CA ILE B 224 8.23 -8.05 19.86
C ILE B 224 9.49 -8.14 20.72
N PRO B 225 9.52 -9.05 21.71
CA PRO B 225 10.72 -9.13 22.53
C PRO B 225 11.97 -9.53 21.74
N GLN B 226 11.80 -10.36 20.72
CA GLN B 226 12.93 -10.84 19.93
C GLN B 226 13.53 -9.78 19.02
N PHE B 227 12.69 -9.07 18.26
CA PHE B 227 13.17 -8.18 17.20
C PHE B 227 12.88 -6.69 17.45
N TYR B 228 11.95 -6.40 18.33
CA TYR B 228 11.49 -5.02 18.52
C TYR B 228 11.99 -4.43 19.83
N ASP B 229 12.24 -3.12 19.83
CA ASP B 229 12.73 -2.41 21.01
C ASP B 229 12.05 -1.05 21.14
N SER B 230 12.54 -0.24 22.07
CA SER B 230 11.93 1.06 22.37
C SER B 230 12.02 2.04 21.20
N GLU B 231 13.04 1.88 20.37
CA GLU B 231 13.28 2.79 19.25
C GLU B 231 12.36 2.50 18.06
N THR B 232 11.88 1.25 17.98
CA THR B 232 11.09 0.81 16.83
C THR B 232 9.75 1.53 16.70
N THR B 233 9.32 1.69 15.46
CA THR B 233 8.02 2.26 15.14
C THR B 233 7.25 1.36 14.16
N PHE B 234 5.93 1.33 14.32
CA PHE B 234 5.06 0.52 13.48
C PHE B 234 3.96 1.37 12.83
N SER B 235 3.71 1.15 11.54
CA SER B 235 2.71 1.91 10.79
C SER B 235 1.73 0.98 10.08
N VAL B 236 0.47 1.41 9.98
CA VAL B 236 -0.54 0.66 9.24
C VAL B 236 -1.35 1.57 8.32
N VAL B 237 -1.47 1.17 7.06
CA VAL B 237 -2.27 1.89 6.08
C VAL B 237 -3.54 1.11 5.79
N PHE B 238 -4.68 1.78 5.89
CA PHE B 238 -5.98 1.13 5.69
C PHE B 238 -7.00 2.14 5.14
N ALA B 239 -8.12 1.61 4.64
CA ALA B 239 -9.18 2.43 4.09
C ALA B 239 -10.48 2.29 4.88
N THR B 240 -11.09 3.42 5.25
CA THR B 240 -12.40 3.40 5.90
C THR B 240 -13.44 2.97 4.88
N ASP B 241 -13.09 3.10 3.60
CA ASP B 241 -13.98 2.83 2.48
C ASP B 241 -14.38 1.36 2.42
N SER B 242 -13.44 0.47 2.76
CA SER B 242 -13.65 -0.97 2.59
C SER B 242 -14.90 -1.43 3.37
N PRO B 243 -15.79 -2.18 2.72
CA PRO B 243 -17.09 -2.49 3.33
C PRO B 243 -17.07 -3.52 4.45
N GLN B 244 -16.46 -4.67 4.20
CA GLN B 244 -16.49 -5.80 5.13
C GLN B 244 -15.11 -6.07 5.73
N ASP B 245 -14.27 -5.03 5.75
CA ASP B 245 -12.91 -5.14 6.26
C ASP B 245 -12.90 -5.11 7.79
N PRO B 246 -12.49 -6.23 8.44
CA PRO B 246 -12.44 -6.23 9.90
C PRO B 246 -11.31 -5.37 10.46
N ALA B 247 -10.16 -5.41 9.79
CA ALA B 247 -8.98 -4.68 10.25
C ALA B 247 -9.20 -3.16 10.20
N SER B 248 -9.86 -2.67 9.15
CA SER B 248 -10.07 -1.25 9.00
C SER B 248 -10.94 -0.69 10.13
N SER B 249 -12.01 -1.38 10.46
CA SER B 249 -12.86 -0.97 11.56
C SER B 249 -12.10 -1.05 12.87
N SER B 250 -11.34 -2.12 13.04
CA SER B 250 -10.57 -2.34 14.24
C SER B 250 -9.51 -1.24 14.42
N CYS B 251 -8.81 -0.92 13.35
CA CYS B 251 -7.81 0.16 13.36
C CYS B 251 -8.48 1.51 13.58
N SER B 252 -9.66 1.71 12.98
CA SER B 252 -10.40 2.96 13.11
C SER B 252 -10.78 3.25 14.57
N LYS B 253 -11.27 2.23 15.26
CA LYS B 253 -11.63 2.38 16.65
C LYS B 253 -10.37 2.64 17.48
N PHE B 254 -9.30 1.92 17.17
CA PHE B 254 -8.03 2.03 17.88
C PHE B 254 -7.47 3.44 17.76
N SER B 255 -7.53 4.01 16.56
CA SER B 255 -6.99 5.34 16.30
C SER B 255 -7.77 6.40 17.07
N ARG B 256 -9.09 6.22 17.14
CA ARG B 256 -9.96 7.15 17.85
C ARG B 256 -9.61 7.19 19.33
N ASN B 257 -9.32 6.03 19.90
CA ASN B 257 -8.99 5.93 21.32
C ASN B 257 -7.77 6.77 21.67
N LEU B 258 -6.80 6.79 20.75
CA LEU B 258 -5.60 7.60 20.94
C LEU B 258 -5.77 8.98 20.30
N ASN B 259 -6.99 9.27 19.85
CA ASN B 259 -7.32 10.58 19.28
C ASN B 259 -6.54 10.89 18.01
N ILE B 260 -5.94 9.87 17.41
CA ILE B 260 -5.14 10.05 16.21
C ILE B 260 -6.02 10.28 14.97
N LEU B 261 -7.19 9.65 14.94
CA LEU B 261 -8.02 9.66 13.74
C LEU B 261 -8.47 11.06 13.33
N SER B 262 -8.36 11.35 12.04
CA SER B 262 -8.84 12.59 11.45
C SER B 262 -9.72 12.29 10.24
N PRO B 263 -10.88 12.96 10.14
CA PRO B 263 -11.74 12.73 8.97
C PRO B 263 -11.01 13.08 7.68
N ARG B 264 -11.20 12.28 6.63
CA ARG B 264 -10.55 12.53 5.35
C ARG B 264 -11.49 12.25 4.19
N HIS B 265 -11.06 12.63 2.99
CA HIS B 265 -11.81 12.35 1.78
C HIS B 265 -11.91 10.83 1.60
N PRO B 266 -13.06 10.34 1.09
CA PRO B 266 -13.23 8.89 0.92
C PRO B 266 -12.12 8.21 0.11
N SER B 267 -11.70 8.85 -0.99
CA SER B 267 -10.64 8.31 -1.82
C SER B 267 -9.31 8.23 -1.09
N THR B 268 -9.03 9.22 -0.26
CA THR B 268 -7.76 9.27 0.49
C THR B 268 -7.68 8.15 1.54
N LEU B 269 -6.51 7.54 1.64
CA LEU B 269 -6.25 6.46 2.59
C LEU B 269 -5.96 6.99 3.99
N GLN B 270 -6.11 6.12 4.98
CA GLN B 270 -5.91 6.49 6.39
C GLN B 270 -4.63 5.78 6.90
N ARG B 271 -3.86 6.46 7.75
CA ARG B 271 -2.65 5.89 8.35
C ARG B 271 -2.68 5.93 9.88
N LEU B 272 -2.31 4.82 10.50
CA LEU B 272 -2.19 4.73 11.95
C LEU B 272 -0.74 4.45 12.35
N PHE B 273 -0.18 5.33 13.18
CA PHE B 273 1.20 5.22 13.61
C PHE B 273 1.27 5.10 15.13
N VAL B 274 2.17 4.24 15.61
CA VAL B 274 2.25 3.94 17.04
C VAL B 274 3.69 3.89 17.54
N GLY B 275 3.86 4.23 18.82
CA GLY B 275 5.16 4.14 19.48
C GLY B 275 5.44 2.74 19.96
N SER B 276 6.63 2.53 20.51
CA SER B 276 7.10 1.21 20.92
C SER B 276 6.14 0.47 21.86
N ASN B 277 5.56 1.19 22.80
CA ASN B 277 4.66 0.59 23.78
C ASN B 277 3.34 0.11 23.18
N LEU B 278 2.93 0.76 22.09
CA LEU B 278 1.61 0.54 21.51
C LEU B 278 1.53 -0.55 20.44
N ILE B 279 2.66 -1.10 20.00
CA ILE B 279 2.63 -2.12 18.95
C ILE B 279 1.94 -3.37 19.47
N ALA B 280 2.32 -3.78 20.68
CA ALA B 280 1.77 -5.00 21.28
C ALA B 280 0.26 -4.90 21.37
N ASP B 281 -0.23 -3.74 21.81
CA ASP B 281 -1.66 -3.53 21.99
C ASP B 281 -2.37 -3.53 20.64
N LEU B 282 -1.76 -2.87 19.65
CA LEU B 282 -2.34 -2.80 18.32
C LEU B 282 -2.32 -4.16 17.61
N TRP B 283 -1.23 -4.90 17.77
CA TRP B 283 -1.09 -6.19 17.12
C TRP B 283 -2.15 -7.18 17.57
N LYS B 284 -2.56 -7.13 18.83
CA LYS B 284 -3.63 -7.99 19.30
C LYS B 284 -4.93 -7.70 18.55
N VAL B 285 -5.20 -6.43 18.31
CA VAL B 285 -6.44 -6.00 17.70
C VAL B 285 -6.57 -6.48 16.26
N LEU B 286 -5.45 -6.60 15.55
CA LEU B 286 -5.48 -6.99 14.14
C LEU B 286 -6.03 -8.40 13.97
N PRO B 287 -6.67 -8.67 12.82
CA PRO B 287 -7.29 -9.99 12.59
C PRO B 287 -6.30 -11.15 12.62
N ALA B 288 -6.79 -12.34 12.91
CA ALA B 288 -5.96 -13.55 12.81
C ALA B 288 -5.67 -13.83 11.34
N THR B 289 -4.43 -14.24 11.06
CA THR B 289 -3.98 -14.42 9.68
C THR B 289 -3.31 -15.77 9.45
N ARG B 290 -3.52 -16.30 8.24
CA ARG B 290 -2.80 -17.47 7.75
C ARG B 290 -2.06 -17.14 6.47
N HIS B 291 -0.74 -17.19 6.53
CA HIS B 291 0.10 -16.84 5.39
C HIS B 291 0.51 -18.09 4.63
N PRO B 292 0.54 -18.01 3.29
CA PRO B 292 1.08 -19.15 2.53
C PRO B 292 2.57 -19.33 2.77
N SER B 293 3.06 -20.56 2.71
CA SER B 293 4.49 -20.81 2.90
C SER B 293 5.31 -20.13 1.81
N LEU B 294 6.52 -19.73 2.15
CA LEU B 294 7.40 -19.05 1.20
C LEU B 294 7.79 -19.97 0.05
N ASP B 295 7.50 -21.26 0.20
CA ASP B 295 7.77 -22.25 -0.84
C ASP B 295 7.05 -21.88 -2.14
N GLN B 296 5.88 -21.27 -2.01
CA GLN B 296 5.14 -20.83 -3.18
C GLN B 296 5.70 -19.49 -3.66
N THR B 297 6.61 -19.55 -4.63
CA THR B 297 7.27 -18.34 -5.12
C THR B 297 6.29 -17.39 -5.81
N SER B 298 5.28 -17.95 -6.47
CA SER B 298 4.31 -17.16 -7.21
C SER B 298 3.53 -16.22 -6.30
N GLN B 299 3.28 -16.65 -5.08
CA GLN B 299 2.45 -15.90 -4.13
C GLN B 299 3.17 -14.65 -3.60
N TRP B 300 4.48 -14.77 -3.43
CA TRP B 300 5.28 -13.70 -2.83
C TRP B 300 6.20 -13.02 -3.83
N LEU B 301 6.32 -11.71 -3.72
CA LEU B 301 7.39 -10.97 -4.37
C LEU B 301 8.17 -10.24 -3.30
N ILE B 302 9.42 -10.65 -3.11
CA ILE B 302 10.25 -10.13 -2.03
C ILE B 302 11.47 -9.42 -2.61
N ASP B 303 11.69 -8.20 -2.14
CA ASP B 303 12.83 -7.41 -2.55
C ASP B 303 13.67 -7.07 -1.31
N CYS B 304 14.97 -7.26 -1.44
CA CYS B 304 15.91 -6.99 -0.36
C CYS B 304 16.98 -6.03 -0.84
N HIS B 305 17.20 -4.95 -0.08
CA HIS B 305 18.13 -3.90 -0.48
C HIS B 305 19.06 -3.55 0.66
N THR B 306 20.32 -3.28 0.30
CA THR B 306 21.28 -2.81 1.28
C THR B 306 20.93 -1.36 1.63
N PHE B 307 21.17 -0.98 2.88
CA PHE B 307 20.88 0.37 3.33
C PHE B 307 22.05 0.85 4.18
N PRO B 308 23.17 1.17 3.50
CA PRO B 308 24.42 1.55 4.17
C PRO B 308 24.41 3.00 4.62
N HIS B 309 23.41 3.34 5.44
CA HIS B 309 23.27 4.71 5.93
C HIS B 309 23.15 4.76 7.44
N LEU B 310 23.05 3.60 8.08
CA LEU B 310 22.88 3.54 9.52
C LEU B 310 24.18 3.89 10.23
N ALA B 311 24.08 4.57 11.36
CA ALA B 311 25.25 4.94 12.14
C ALA B 311 25.80 3.73 12.87
N ASP B 312 27.09 3.81 13.20
CA ASP B 312 27.78 2.73 13.90
C ASP B 312 27.85 3.03 15.39
N PRO B 313 27.22 2.19 16.24
CA PRO B 313 27.34 2.39 17.69
C PRO B 313 28.79 2.28 18.18
N THR B 314 29.53 1.35 17.61
CA THR B 314 30.91 1.09 18.03
C THR B 314 31.84 2.26 17.70
N GLY B 315 31.60 2.92 16.58
CA GLY B 315 32.46 3.99 16.11
C GLY B 315 33.65 3.45 15.35
N MET B 316 33.65 2.13 15.12
CA MET B 316 34.74 1.48 14.40
C MET B 316 34.73 1.87 12.93
N ALA B 317 33.52 1.97 12.38
CA ALA B 317 33.32 2.23 10.95
C ALA B 317 32.54 3.52 10.76
N PRO B 318 32.65 4.14 9.58
CA PRO B 318 31.90 5.37 9.33
C PRO B 318 30.39 5.13 9.37
N TYR B 319 29.98 4.06 8.71
CA TYR B 319 28.57 3.66 8.66
C TYR B 319 28.37 2.22 9.16
N ALA B 320 27.13 1.87 9.44
CA ALA B 320 26.77 0.50 9.80
C ALA B 320 25.79 0.00 8.75
N MET B 321 25.97 -1.24 8.33
CA MET B 321 25.12 -1.79 7.28
C MET B 321 23.69 -1.98 7.77
N GLY B 322 22.76 -1.55 6.93
CA GLY B 322 21.34 -1.69 7.21
C GLY B 322 20.69 -2.46 6.09
N LEU B 323 19.68 -3.25 6.43
CA LEU B 323 18.97 -4.06 5.45
C LEU B 323 17.52 -3.61 5.34
N MET B 324 17.09 -3.32 4.11
CA MET B 324 15.71 -2.91 3.85
C MET B 324 14.99 -4.00 3.05
N ILE B 325 13.94 -4.54 3.65
CA ILE B 325 13.19 -5.65 3.05
C ILE B 325 11.76 -5.24 2.75
N ASN B 326 11.36 -5.32 1.48
CA ASN B 326 9.99 -5.06 1.09
C ASN B 326 9.32 -6.35 0.62
N VAL B 327 8.17 -6.66 1.21
CA VAL B 327 7.47 -7.91 0.93
C VAL B 327 6.09 -7.66 0.35
N ASN B 328 5.84 -8.25 -0.81
CA ASN B 328 4.52 -8.27 -1.42
C ASN B 328 3.92 -9.66 -1.27
N GLY B 329 2.75 -9.74 -0.64
CA GLY B 329 2.13 -11.02 -0.36
C GLY B 329 0.63 -10.92 -0.17
N GLN B 330 0.01 -12.08 0.04
CA GLN B 330 -1.41 -12.18 0.31
C GLN B 330 -1.66 -13.08 1.52
N CYS B 331 -2.83 -12.96 2.14
CA CYS B 331 -3.16 -13.79 3.28
C CYS B 331 -4.66 -13.92 3.53
N GLU B 332 -5.03 -14.89 4.36
CA GLU B 332 -6.43 -15.11 4.75
C GLU B 332 -6.69 -14.52 6.12
N GLU B 333 -7.50 -13.46 6.16
CA GLU B 333 -7.82 -12.79 7.42
C GLU B 333 -9.16 -13.25 7.97
N ALA B 334 -9.17 -13.67 9.23
CA ALA B 334 -10.38 -14.12 9.91
C ALA B 334 -10.50 -13.47 11.27
N ASP B 335 -11.64 -12.81 11.51
CA ASP B 335 -11.95 -12.24 12.81
C ASP B 335 -13.20 -12.88 13.39
N ILE B 336 -13.03 -13.73 14.39
CA ILE B 336 -14.13 -14.52 14.92
C ILE B 336 -15.14 -13.65 15.65
N SER B 337 -14.64 -12.74 16.48
CA SER B 337 -15.49 -11.84 17.24
C SER B 337 -16.38 -11.00 16.33
N GLN B 338 -15.84 -10.62 15.19
CA GLN B 338 -16.59 -9.85 14.18
C GLN B 338 -17.31 -10.75 13.19
N ASN B 339 -16.84 -11.99 13.08
CA ASN B 339 -17.37 -12.96 12.12
C ASN B 339 -17.18 -12.49 10.69
N LEU B 340 -16.01 -11.89 10.43
CA LEU B 340 -15.64 -11.43 9.10
C LEU B 340 -14.45 -12.23 8.59
N TYR B 341 -14.60 -12.79 7.39
CA TYR B 341 -13.56 -13.57 6.74
C TYR B 341 -13.30 -13.05 5.33
N GLY B 342 -12.03 -12.97 4.94
CA GLY B 342 -11.68 -12.51 3.61
C GLY B 342 -10.22 -12.73 3.27
N THR B 343 -9.86 -12.44 2.03
CA THR B 343 -8.48 -12.56 1.55
C THR B 343 -7.84 -11.18 1.41
N ARG B 344 -6.65 -11.02 1.99
CA ARG B 344 -5.96 -9.73 2.02
C ARG B 344 -4.80 -9.69 1.03
N THR B 345 -4.63 -8.54 0.37
CA THR B 345 -3.43 -8.27 -0.42
C THR B 345 -2.68 -7.12 0.25
N PHE B 346 -1.40 -7.35 0.57
CA PHE B 346 -0.65 -6.37 1.35
C PHE B 346 0.78 -6.18 0.86
N SER B 347 1.36 -5.05 1.26
CA SER B 347 2.78 -4.77 1.07
C SER B 347 3.39 -4.36 2.39
N ARG B 348 4.46 -5.03 2.79
CA ARG B 348 5.10 -4.75 4.07
C ARG B 348 6.59 -4.42 3.87
N CYS B 349 7.03 -3.35 4.51
CA CYS B 349 8.42 -2.89 4.40
C CYS B 349 9.10 -2.95 5.76
N PHE B 350 10.27 -3.59 5.78
CA PHE B 350 11.08 -3.70 6.99
C PHE B 350 12.39 -2.94 6.83
N ILE B 351 12.82 -2.27 7.89
CA ILE B 351 14.16 -1.68 7.94
C ILE B 351 14.94 -2.30 9.08
N LEU B 352 16.00 -3.04 8.75
CA LEU B 352 16.79 -3.79 9.72
C LEU B 352 18.15 -3.14 9.98
N GLY B 353 18.51 -3.05 11.26
CA GLY B 353 19.79 -2.51 11.66
C GLY B 353 20.37 -3.31 12.80
N PRO B 354 21.64 -3.05 13.16
CA PRO B 354 22.27 -3.76 14.28
C PRO B 354 21.54 -3.52 15.60
N SER B 355 21.26 -4.61 16.32
CA SER B 355 20.51 -4.54 17.56
C SER B 355 21.35 -3.92 18.68
N LYS B 356 20.69 -3.48 19.73
CA LYS B 356 21.38 -2.94 20.89
C LYS B 356 22.06 -4.07 21.66
N PRO B 357 22.99 -3.72 22.57
CA PRO B 357 23.68 -4.75 23.37
C PRO B 357 22.70 -5.59 24.20
N GLY B 358 22.97 -6.89 24.30
CA GLY B 358 22.15 -7.78 25.10
C GLY B 358 20.90 -8.26 24.37
N ALA B 359 20.80 -7.92 23.08
CA ALA B 359 19.63 -8.29 22.29
C ALA B 359 19.64 -9.78 21.96
N PRO B 360 18.44 -10.39 21.83
CA PRO B 360 18.36 -11.81 21.47
C PRO B 360 19.03 -12.13 20.14
N HIS B 361 18.96 -11.18 19.20
CA HIS B 361 19.52 -11.38 17.86
C HIS B 361 20.46 -10.24 17.50
N PRO B 362 21.38 -10.48 16.55
CA PRO B 362 22.31 -9.44 16.12
C PRO B 362 21.60 -8.25 15.45
N TYR B 363 20.50 -8.52 14.77
CA TYR B 363 19.75 -7.50 14.05
C TYR B 363 18.40 -7.21 14.69
N ARG B 364 17.96 -5.95 14.56
CA ARG B 364 16.65 -5.53 15.06
C ARG B 364 15.88 -4.83 13.94
N VAL B 365 14.57 -4.67 14.14
CA VAL B 365 13.72 -3.96 13.17
C VAL B 365 13.54 -2.51 13.64
N LEU B 366 14.15 -1.58 12.90
CA LEU B 366 14.04 -0.15 13.19
C LEU B 366 12.66 0.41 12.86
N SER B 367 12.11 -0.04 11.73
CA SER B 367 10.82 0.44 11.25
C SER B 367 10.03 -0.68 10.60
N ASP B 368 8.73 -0.70 10.85
CA ASP B 368 7.83 -1.70 10.27
C ASP B 368 6.60 -0.99 9.69
N GLN B 369 6.43 -1.09 8.37
CA GLN B 369 5.34 -0.43 7.68
C GLN B 369 4.48 -1.43 6.92
N LEU B 370 3.21 -1.53 7.30
CA LEU B 370 2.28 -2.46 6.67
C LEU B 370 1.28 -1.68 5.83
N THR B 371 1.17 -2.05 4.56
CA THR B 371 0.25 -1.40 3.63
C THR B 371 -0.78 -2.41 3.13
N LEU B 372 -2.04 -2.14 3.44
CA LEU B 372 -3.13 -2.99 3.01
C LEU B 372 -3.67 -2.51 1.68
N HIS B 373 -3.39 -3.26 0.63
CA HIS B 373 -3.70 -2.85 -0.74
C HIS B 373 -5.14 -3.18 -1.13
N THR B 374 -5.50 -4.46 -1.02
CA THR B 374 -6.81 -4.94 -1.48
C THR B 374 -7.45 -5.90 -0.47
N TRP B 375 -8.77 -5.79 -0.36
CA TRP B 375 -9.57 -6.65 0.51
C TRP B 375 -10.66 -7.37 -0.25
N LYS B 376 -10.60 -8.70 -0.22
CA LYS B 376 -11.61 -9.53 -0.85
C LYS B 376 -12.44 -10.25 0.22
N PRO B 377 -13.70 -9.81 0.41
CA PRO B 377 -14.55 -10.51 1.38
C PRO B 377 -14.81 -11.95 0.95
N GLN B 378 -14.86 -12.88 1.91
CA GLN B 378 -15.18 -14.27 1.58
C GLN B 378 -16.63 -14.34 1.10
N PRO B 379 -16.88 -15.04 -0.03
CA PRO B 379 -18.26 -15.15 -0.50
C PRO B 379 -19.18 -15.75 0.56
N ALA B 380 -20.41 -15.25 0.64
CA ALA B 380 -21.35 -15.72 1.64
C ALA B 380 -21.52 -17.24 1.52
N PRO B 381 -21.33 -17.98 2.63
CA PRO B 381 -21.46 -19.44 2.56
C PRO B 381 -22.89 -19.88 2.22
N GLN B 382 -23.01 -20.83 1.31
CA GLN B 382 -24.32 -21.29 0.84
C GLN B 382 -25.03 -22.14 1.89
N CYS C 25 -5.78 17.76 -43.37
CA CYS C 25 -6.12 18.68 -42.28
C CYS C 25 -5.30 18.38 -41.03
N LEU C 26 -4.77 17.16 -40.95
CA LEU C 26 -4.00 16.76 -39.78
C LEU C 26 -2.64 17.47 -39.76
N ALA C 27 -1.94 17.42 -40.89
CA ALA C 27 -0.64 18.04 -41.04
C ALA C 27 -0.75 19.48 -41.54
N ARG C 28 -1.89 19.80 -42.11
CA ARG C 28 -2.14 21.11 -42.70
C ARG C 28 -2.07 22.28 -41.72
N ARG C 29 -2.59 22.09 -40.51
CA ARG C 29 -2.65 23.18 -39.54
C ARG C 29 -1.26 23.57 -39.01
N TYR C 30 -0.38 22.58 -38.85
CA TYR C 30 0.94 22.80 -38.26
C TYR C 30 1.88 23.63 -39.14
N ASN C 31 2.68 24.47 -38.48
CA ASN C 31 3.71 25.28 -39.12
C ASN C 31 5.08 24.95 -38.53
N ALA C 32 5.98 24.43 -39.35
CA ALA C 32 7.29 24.00 -38.89
C ALA C 32 8.19 25.15 -38.45
N GLU C 33 8.29 26.17 -39.29
CA GLU C 33 9.20 27.28 -39.04
C GLU C 33 8.86 28.03 -37.76
N GLN C 34 7.57 28.30 -37.57
CA GLN C 34 7.11 29.00 -36.38
C GLN C 34 6.93 28.03 -35.21
N LYS C 35 7.06 26.74 -35.51
CA LYS C 35 6.85 25.68 -34.53
C LYS C 35 5.46 25.80 -33.91
N LEU C 36 4.51 26.26 -34.73
CA LEU C 36 3.17 26.60 -34.26
C LEU C 36 2.10 25.71 -34.89
N LEU C 37 1.16 25.26 -34.07
CA LEU C 37 -0.03 24.55 -34.54
C LEU C 37 -1.26 25.41 -34.36
N ASP C 38 -1.85 25.84 -35.48
CA ASP C 38 -3.03 26.70 -35.45
C ASP C 38 -4.27 25.87 -35.19
N LEU C 39 -4.99 26.21 -34.11
CA LEU C 39 -6.24 25.55 -33.77
C LEU C 39 -7.38 26.57 -33.73
N SER C 40 -7.38 27.49 -34.69
CA SER C 40 -8.42 28.51 -34.76
C SER C 40 -9.55 28.09 -35.71
N ALA C 41 -10.77 28.53 -35.39
CA ALA C 41 -11.94 28.24 -36.21
C ALA C 41 -12.13 26.74 -36.44
N LEU C 42 -12.15 25.97 -35.36
CA LEU C 42 -12.32 24.52 -35.44
C LEU C 42 -13.74 24.07 -35.81
N GLY C 43 -14.75 24.86 -35.46
CA GLY C 43 -16.13 24.50 -35.75
C GLY C 43 -16.36 24.07 -37.17
N THR C 44 -15.98 24.91 -38.13
CA THR C 44 -16.11 24.58 -39.55
C THR C 44 -14.90 23.81 -40.07
N ASP C 45 -15.13 22.57 -40.51
CA ASP C 45 -14.08 21.73 -41.10
C ASP C 45 -14.64 20.38 -41.53
N LYS C 62 -15.22 14.06 -24.87
CA LYS C 62 -15.16 15.34 -25.55
C LYS C 62 -14.48 15.19 -26.91
N SER C 63 -15.02 15.88 -27.91
CA SER C 63 -14.49 15.81 -29.28
C SER C 63 -13.04 16.29 -29.34
N PHE C 64 -12.72 17.29 -28.52
CA PHE C 64 -11.40 17.90 -28.49
C PHE C 64 -10.32 16.94 -27.98
N LYS C 65 -10.69 16.04 -27.08
CA LYS C 65 -9.74 15.07 -26.54
C LYS C 65 -9.16 14.19 -27.64
N ALA C 66 -9.93 13.94 -28.70
CA ALA C 66 -9.47 13.12 -29.80
C ALA C 66 -8.27 13.73 -30.52
N LEU C 67 -8.33 15.03 -30.76
CA LEU C 67 -7.22 15.73 -31.41
C LEU C 67 -5.96 15.70 -30.55
N MET C 68 -6.11 16.03 -29.27
CA MET C 68 -4.98 16.03 -28.35
C MET C 68 -4.37 14.63 -28.24
N HIS C 69 -5.23 13.62 -28.28
CA HIS C 69 -4.80 12.23 -28.31
C HIS C 69 -3.93 11.95 -29.53
N LEU C 70 -4.34 12.52 -30.67
CA LEU C 70 -3.64 12.30 -31.93
C LEU C 70 -2.24 12.92 -31.92
N VAL C 71 -2.13 14.10 -31.34
CA VAL C 71 -0.85 14.83 -31.33
C VAL C 71 0.20 14.04 -30.55
N SER C 72 -0.19 13.49 -29.41
CA SER C 72 0.75 12.81 -28.52
C SER C 72 1.32 11.54 -29.15
N ASN C 73 0.47 10.80 -29.87
CA ASN C 73 0.90 9.55 -30.50
C ASN C 73 1.90 9.77 -31.62
N GLU C 74 1.89 10.96 -32.22
CA GLU C 74 2.76 11.26 -33.35
C GLU C 74 4.23 11.17 -32.98
N TYR C 75 4.57 11.60 -31.77
CA TYR C 75 5.96 11.63 -31.31
C TYR C 75 6.20 10.58 -30.23
N LYS C 76 7.14 9.67 -30.50
CA LYS C 76 7.50 8.66 -29.51
C LYS C 76 8.23 9.31 -28.33
N ASP C 77 8.97 10.37 -28.62
CA ASP C 77 9.74 11.07 -27.60
C ASP C 77 8.89 12.22 -27.05
N PRO C 78 8.65 12.25 -25.73
CA PRO C 78 7.90 13.38 -25.16
C PRO C 78 8.66 14.70 -25.34
N GLU C 79 9.98 14.61 -25.33
CA GLU C 79 10.85 15.77 -25.52
C GLU C 79 10.64 16.37 -26.90
N GLN C 80 10.41 15.49 -27.88
CA GLN C 80 10.21 15.91 -29.26
C GLN C 80 8.93 16.73 -29.42
N LYS C 81 7.88 16.36 -28.70
CA LYS C 81 6.62 17.07 -28.77
C LYS C 81 6.75 18.51 -28.28
N ASN C 82 7.45 18.70 -27.16
CA ASN C 82 7.68 20.02 -26.62
C ASN C 82 8.54 20.88 -27.54
N GLU C 83 9.57 20.26 -28.12
CA GLU C 83 10.45 20.94 -29.06
C GLU C 83 9.74 21.21 -30.39
N ALA C 84 8.90 20.26 -30.82
CA ALA C 84 8.19 20.39 -32.09
C ALA C 84 7.17 21.52 -32.04
N ILE C 85 6.39 21.57 -30.97
CA ILE C 85 5.34 22.56 -30.82
C ILE C 85 5.63 23.46 -29.62
N GLN C 86 5.87 24.75 -29.92
CA GLN C 86 6.16 25.74 -28.90
C GLN C 86 5.05 26.78 -28.84
N ALA C 87 4.14 26.74 -29.82
CA ALA C 87 3.05 27.71 -29.89
C ALA C 87 1.76 27.06 -30.39
N VAL C 88 0.63 27.57 -29.91
CA VAL C 88 -0.70 27.12 -30.35
C VAL C 88 -1.66 28.32 -30.35
N SER C 89 -2.64 28.29 -31.25
CA SER C 89 -3.66 29.33 -31.32
C SER C 89 -5.06 28.73 -31.29
N LEU C 90 -5.86 29.15 -30.32
CA LEU C 90 -7.24 28.66 -30.16
C LEU C 90 -8.26 29.75 -30.46
N ALA C 91 -7.88 30.72 -31.27
CA ALA C 91 -8.72 31.88 -31.54
C ALA C 91 -9.94 31.51 -32.38
N ARG C 92 -11.00 32.32 -32.27
CA ARG C 92 -12.18 32.17 -33.12
C ARG C 92 -12.88 30.82 -32.96
N ASN C 93 -12.81 30.25 -31.76
CA ASN C 93 -13.47 28.98 -31.47
C ASN C 93 -14.76 29.16 -30.65
N ASP C 94 -15.04 30.39 -30.25
CA ASP C 94 -16.22 30.72 -29.47
C ASP C 94 -16.29 29.84 -28.22
N ILE C 95 -15.20 29.82 -27.48
CA ILE C 95 -15.07 28.96 -26.29
C ILE C 95 -15.44 29.74 -25.04
N LEU C 96 -16.48 29.28 -24.35
CA LEU C 96 -16.98 29.96 -23.16
C LEU C 96 -16.07 29.73 -21.94
N ASP C 97 -15.37 28.60 -21.94
CA ASP C 97 -14.53 28.22 -20.80
C ASP C 97 -13.34 27.36 -21.23
N VAL C 98 -12.21 27.55 -20.57
CA VAL C 98 -11.00 26.78 -20.89
C VAL C 98 -11.20 25.31 -20.58
N GLY C 99 -12.17 25.00 -19.73
CA GLY C 99 -12.49 23.64 -19.37
C GLY C 99 -12.81 22.78 -20.58
N GLN C 100 -13.35 23.42 -21.62
CA GLN C 100 -13.63 22.74 -22.88
C GLN C 100 -12.32 22.30 -23.54
N VAL C 101 -11.28 23.10 -23.32
CA VAL C 101 -9.97 22.87 -23.94
C VAL C 101 -8.92 22.60 -22.86
N TYR C 102 -9.35 22.06 -21.73
CA TYR C 102 -8.46 21.82 -20.61
C TYR C 102 -7.32 20.87 -20.98
N SER C 103 -7.62 19.91 -21.85
CA SER C 103 -6.65 18.86 -22.20
C SER C 103 -5.35 19.40 -22.76
N LEU C 104 -5.38 20.63 -23.27
CA LEU C 104 -4.19 21.24 -23.86
C LEU C 104 -3.09 21.41 -22.82
N ALA C 105 -3.48 21.77 -21.59
CA ALA C 105 -2.52 22.00 -20.52
C ALA C 105 -1.77 20.72 -20.17
N VAL C 106 -2.49 19.60 -20.10
CA VAL C 106 -1.88 18.31 -19.80
C VAL C 106 -1.00 17.83 -20.95
N THR C 107 -1.48 18.00 -22.17
CA THR C 107 -0.78 17.50 -23.36
C THR C 107 0.49 18.31 -23.65
N LEU C 108 0.36 19.63 -23.59
CA LEU C 108 1.47 20.54 -23.91
C LEU C 108 1.75 21.49 -22.76
N PRO C 109 2.42 20.99 -21.71
CA PRO C 109 2.70 21.81 -20.51
C PRO C 109 3.80 22.86 -20.72
N ARG C 110 4.70 22.63 -21.67
CA ARG C 110 5.82 23.55 -21.90
C ARG C 110 5.54 24.48 -23.08
N LEU C 111 4.26 24.72 -23.35
CA LEU C 111 3.87 25.62 -24.42
C LEU C 111 4.29 27.05 -24.10
N ARG C 112 5.10 27.63 -24.99
CA ARG C 112 5.63 28.98 -24.77
C ARG C 112 4.66 30.08 -25.19
N ARG C 113 3.91 29.83 -26.27
CA ARG C 113 2.99 30.83 -26.82
C ARG C 113 1.57 30.27 -26.97
N LEU C 114 0.59 31.07 -26.56
CA LEU C 114 -0.82 30.70 -26.71
C LEU C 114 -1.65 31.90 -27.14
N ASP C 115 -2.62 31.65 -28.01
CA ASP C 115 -3.53 32.70 -28.50
C ASP C 115 -4.99 32.32 -28.27
N LEU C 116 -5.70 33.16 -27.52
CA LEU C 116 -7.09 32.91 -27.18
C LEU C 116 -7.98 34.07 -27.65
N SER C 117 -7.45 34.86 -28.58
CA SER C 117 -8.16 36.04 -29.06
C SER C 117 -9.39 35.66 -29.87
N GLY C 118 -10.27 36.63 -30.12
CA GLY C 118 -11.43 36.40 -30.97
C GLY C 118 -12.41 35.38 -30.42
N ASN C 119 -12.27 35.03 -29.14
CA ASN C 119 -13.17 34.10 -28.48
C ASN C 119 -14.07 34.83 -27.49
N ASN C 120 -15.02 34.11 -26.91
CA ASN C 120 -15.94 34.68 -25.95
C ASN C 120 -15.66 34.14 -24.54
N LEU C 121 -14.85 34.87 -23.79
CA LEU C 121 -14.53 34.53 -22.41
C LEU C 121 -14.98 35.65 -21.48
N GLU C 122 -16.03 35.38 -20.73
CA GLU C 122 -16.74 36.42 -19.99
C GLU C 122 -15.89 37.05 -18.89
N ASN C 123 -15.29 36.22 -18.05
CA ASN C 123 -14.51 36.71 -16.91
C ASN C 123 -13.45 35.71 -16.46
N LEU C 124 -12.74 36.07 -15.39
CA LEU C 124 -11.62 35.26 -14.89
C LEU C 124 -12.05 33.87 -14.43
N SER C 125 -13.28 33.75 -13.92
CA SER C 125 -13.77 32.46 -13.45
C SER C 125 -13.67 31.41 -14.54
N LYS C 126 -13.73 31.87 -15.80
CA LYS C 126 -13.52 31.00 -16.95
C LYS C 126 -12.07 30.56 -17.04
N ILE C 127 -11.16 31.52 -16.98
CA ILE C 127 -9.73 31.22 -17.11
C ILE C 127 -9.20 30.51 -15.86
N SER C 128 -9.96 30.60 -14.77
CA SER C 128 -9.52 30.12 -13.45
C SER C 128 -9.11 28.65 -13.44
N LYS C 129 -9.66 27.85 -14.35
CA LYS C 129 -9.37 26.42 -14.40
C LYS C 129 -7.92 26.17 -14.81
N TRP C 130 -7.38 27.07 -15.62
CA TRP C 130 -6.01 26.96 -16.11
C TRP C 130 -5.01 27.62 -15.17
N GLN C 131 -5.48 28.04 -14.00
CA GLN C 131 -4.58 28.46 -12.95
C GLN C 131 -3.76 27.25 -12.53
N GLN C 132 -2.48 27.47 -12.21
CA GLN C 132 -1.53 26.40 -11.89
C GLN C 132 -1.21 25.56 -13.13
N GLU C 133 -1.38 26.14 -14.31
CA GLU C 133 -1.06 25.48 -15.57
C GLU C 133 -0.33 26.43 -16.50
N PHE C 134 0.33 25.87 -17.52
CA PHE C 134 1.06 26.67 -18.49
C PHE C 134 2.07 27.56 -17.77
N ARG C 135 2.88 26.95 -16.92
CA ARG C 135 3.85 27.68 -16.11
C ARG C 135 4.86 28.40 -17.00
N PHE C 136 5.32 27.69 -18.02
CA PHE C 136 6.40 28.16 -18.89
C PHE C 136 5.95 29.21 -19.92
N LEU C 137 4.66 29.24 -20.20
CA LEU C 137 4.06 30.17 -21.17
C LEU C 137 4.65 31.59 -21.12
N GLU C 138 5.09 32.07 -22.28
CA GLU C 138 5.73 33.38 -22.40
C GLU C 138 4.82 34.45 -23.01
N GLU C 139 3.95 34.04 -23.93
CA GLU C 139 3.03 34.97 -24.60
C GLU C 139 1.57 34.50 -24.50
N LEU C 140 0.69 35.45 -24.21
CA LEU C 140 -0.74 35.18 -24.19
C LEU C 140 -1.51 36.35 -24.80
N HIS C 141 -2.48 36.03 -25.66
CA HIS C 141 -3.30 37.04 -26.30
C HIS C 141 -4.78 36.82 -26.00
N LEU C 142 -5.36 37.74 -25.23
CA LEU C 142 -6.76 37.69 -24.85
C LEU C 142 -7.55 38.85 -25.46
N THR C 143 -7.02 39.44 -26.52
CA THR C 143 -7.71 40.52 -27.21
C THR C 143 -9.01 40.03 -27.82
N GLY C 144 -10.03 40.87 -27.83
CA GLY C 144 -11.33 40.51 -28.36
C GLY C 144 -12.17 39.70 -27.39
N ASN C 145 -11.70 39.56 -26.15
CA ASN C 145 -12.46 38.88 -25.10
C ASN C 145 -13.03 39.88 -24.09
N PRO C 146 -14.25 39.62 -23.59
CA PRO C 146 -14.84 40.49 -22.56
C PRO C 146 -13.99 40.63 -21.29
N VAL C 147 -13.17 39.61 -21.01
CA VAL C 147 -12.40 39.58 -19.77
C VAL C 147 -11.40 40.73 -19.67
N THR C 148 -10.98 41.25 -20.83
CA THR C 148 -9.98 42.31 -20.87
C THR C 148 -10.48 43.58 -20.18
N THR C 149 -11.79 43.77 -20.17
CA THR C 149 -12.39 44.99 -19.64
C THR C 149 -12.23 45.12 -18.13
N LEU C 150 -12.08 43.98 -17.45
CA LEU C 150 -12.01 43.98 -15.99
C LEU C 150 -10.80 44.78 -15.50
N PRO C 151 -10.91 45.39 -14.31
CA PRO C 151 -9.82 46.21 -13.79
C PRO C 151 -8.61 45.40 -13.34
N ASN C 152 -8.86 44.26 -12.69
CA ASN C 152 -7.80 43.42 -12.16
C ASN C 152 -7.30 42.41 -13.18
N TYR C 153 -7.79 42.51 -14.41
CA TYR C 153 -7.44 41.59 -15.49
C TYR C 153 -5.94 41.53 -15.75
N ALA C 154 -5.30 42.70 -15.87
CA ALA C 154 -3.87 42.77 -16.16
C ALA C 154 -3.03 42.16 -15.03
N THR C 155 -3.43 42.44 -13.80
CA THR C 155 -2.71 41.95 -12.64
C THR C 155 -2.81 40.44 -12.49
N GLU C 156 -4.04 39.92 -12.59
CA GLU C 156 -4.30 38.51 -12.34
C GLU C 156 -3.58 37.60 -13.33
N ILE C 157 -3.64 37.92 -14.61
CA ILE C 157 -2.98 37.12 -15.63
C ILE C 157 -1.48 37.08 -15.37
N LYS C 158 -0.93 38.20 -14.91
CA LYS C 158 0.50 38.28 -14.59
C LYS C 158 0.83 37.33 -13.46
N LYS C 159 -0.01 37.32 -12.43
CA LYS C 159 0.21 36.52 -11.25
C LYS C 159 0.06 35.02 -11.53
N TRP C 160 -0.89 34.68 -12.37
CA TRP C 160 -1.19 33.27 -12.66
C TRP C 160 -0.03 32.59 -13.40
N PHE C 161 0.58 33.32 -14.32
CA PHE C 161 1.70 32.80 -15.10
C PHE C 161 2.99 33.60 -14.89
N PRO C 162 3.96 33.04 -14.13
CA PRO C 162 5.23 33.73 -13.89
C PRO C 162 6.04 33.97 -15.14
N SER C 163 6.14 32.96 -16.01
CA SER C 163 6.98 33.04 -17.20
C SER C 163 6.44 34.03 -18.22
N LEU C 164 5.12 34.20 -18.24
CA LEU C 164 4.45 35.10 -19.19
C LEU C 164 5.12 36.48 -19.24
N GLN C 165 5.63 36.83 -20.42
CA GLN C 165 6.33 38.10 -20.63
C GLN C 165 5.49 39.08 -21.45
N ILE C 166 4.65 38.54 -22.33
CA ILE C 166 3.84 39.36 -23.24
C ILE C 166 2.35 39.04 -23.07
N LEU C 167 1.55 40.10 -22.86
CA LEU C 167 0.10 39.97 -22.76
C LEU C 167 -0.61 40.94 -23.70
N ASP C 168 -1.40 40.38 -24.63
CA ASP C 168 -2.13 41.19 -25.60
C ASP C 168 -1.20 42.07 -26.42
N GLY C 169 -0.03 41.56 -26.73
CA GLY C 169 0.94 42.29 -27.53
C GLY C 169 1.68 43.35 -26.71
N GLN C 170 1.53 43.28 -25.40
CA GLN C 170 2.15 44.24 -24.49
C GLN C 170 3.10 43.52 -23.54
N GLN C 171 4.33 44.01 -23.44
CA GLN C 171 5.33 43.39 -22.57
C GLN C 171 5.01 43.71 -21.10
N ILE C 172 4.82 42.66 -20.30
CA ILE C 172 4.54 42.83 -18.87
C ILE C 172 5.73 42.42 -18.01
N ARG C 173 6.67 41.68 -18.60
CA ARG C 173 7.87 41.24 -17.92
C ARG C 173 9.06 41.16 -18.87
N THR C 174 10.24 41.46 -18.34
CA THR C 174 11.49 41.27 -19.07
C THR C 174 11.90 39.80 -18.95
N PRO C 175 12.72 39.32 -19.90
CA PRO C 175 13.23 37.94 -19.84
C PRO C 175 13.92 37.64 -18.50
N GLN C 176 14.73 38.59 -18.01
CA GLN C 176 15.37 38.43 -16.71
C GLN C 176 14.35 38.35 -15.59
N GLU C 177 13.35 39.23 -15.64
CA GLU C 177 12.29 39.27 -14.65
C GLU C 177 11.46 37.98 -14.70
N ALA C 178 11.29 37.44 -15.90
CA ALA C 178 10.54 36.20 -16.10
C ALA C 178 11.23 35.02 -15.42
N ALA C 179 12.55 34.99 -15.49
CA ALA C 179 13.33 33.94 -14.86
C ALA C 179 13.18 34.00 -13.34
N GLU C 180 13.24 35.20 -12.79
CA GLU C 180 13.08 35.41 -11.36
C GLU C 180 11.67 35.06 -10.92
N SER C 181 10.69 35.40 -11.76
CA SER C 181 9.29 35.14 -11.47
C SER C 181 9.03 33.63 -11.42
N LEU C 182 9.63 32.90 -12.35
CA LEU C 182 9.49 31.44 -12.40
C LEU C 182 10.04 30.81 -11.12
N LYS C 183 11.18 31.32 -10.67
CA LYS C 183 11.83 30.82 -9.46
C LYS C 183 10.99 31.06 -8.20
N SER C 184 10.19 32.12 -8.20
CA SER C 184 9.38 32.47 -7.03
C SER C 184 8.06 31.73 -6.96
N SER C 185 7.73 30.96 -8.00
CA SER C 185 6.44 30.29 -8.09
C SER C 185 6.49 28.85 -7.59
N PHE C 186 7.57 28.15 -7.93
CA PHE C 186 7.68 26.72 -7.62
C PHE C 186 7.90 26.38 -6.13
N PRO C 187 8.60 27.24 -5.36
CA PRO C 187 8.76 26.87 -3.96
C PRO C 187 7.47 27.02 -3.16
N THR D 18 -33.56 -15.53 20.20
CA THR D 18 -32.89 -15.70 18.92
C THR D 18 -31.48 -16.26 19.13
N LYS D 19 -30.48 -15.38 19.17
CA LYS D 19 -29.10 -15.80 19.37
C LYS D 19 -28.86 -16.17 20.84
N GLN D 20 -29.65 -15.59 21.72
CA GLN D 20 -29.60 -15.92 23.14
C GLN D 20 -29.94 -17.40 23.36
N LYS D 21 -30.90 -17.90 22.57
CA LYS D 21 -31.27 -19.30 22.62
C LYS D 21 -30.09 -20.20 22.21
N LEU D 22 -29.33 -19.75 21.23
CA LEU D 22 -28.12 -20.47 20.81
C LEU D 22 -27.03 -20.34 21.86
N THR D 23 -26.94 -19.17 22.49
CA THR D 23 -25.97 -18.93 23.55
C THR D 23 -26.28 -19.79 24.77
N SER D 24 -27.57 -20.04 24.99
CA SER D 24 -28.00 -20.88 26.09
C SER D 24 -27.63 -22.34 25.84
N CYS D 25 -27.67 -22.74 24.57
CA CYS D 25 -27.32 -24.10 24.20
C CYS D 25 -25.83 -24.37 24.45
N LEU D 26 -25.04 -23.30 24.51
CA LEU D 26 -23.60 -23.41 24.75
C LEU D 26 -23.29 -23.81 26.19
N ALA D 27 -24.05 -23.27 27.14
CA ALA D 27 -23.76 -23.52 28.54
C ALA D 27 -24.29 -24.88 28.99
N ARG D 28 -25.29 -25.40 28.31
CA ARG D 28 -25.78 -26.76 28.61
C ARG D 28 -24.66 -27.72 28.23
N ARG D 29 -24.07 -27.45 27.06
CA ARG D 29 -23.03 -28.28 26.47
C ARG D 29 -21.70 -28.17 27.20
N TYR D 30 -21.38 -26.97 27.67
CA TYR D 30 -20.08 -26.71 28.29
C TYR D 30 -19.95 -27.43 29.62
N ASN D 31 -18.74 -27.96 29.88
CA ASN D 31 -18.43 -28.63 31.13
C ASN D 31 -17.26 -27.92 31.83
N ALA D 32 -17.53 -27.39 33.02
CA ALA D 32 -16.52 -26.65 33.77
C ALA D 32 -15.40 -27.56 34.24
N GLU D 33 -15.77 -28.70 34.84
CA GLU D 33 -14.82 -29.61 35.44
C GLU D 33 -13.82 -30.17 34.43
N GLN D 34 -14.33 -30.57 33.27
CA GLN D 34 -13.49 -31.13 32.22
C GLN D 34 -12.87 -30.08 31.30
N LYS D 35 -13.25 -28.82 31.47
CA LYS D 35 -12.77 -27.75 30.58
C LYS D 35 -13.10 -28.10 29.13
N LEU D 36 -14.23 -28.77 28.94
CA LEU D 36 -14.62 -29.30 27.64
C LEU D 36 -15.90 -28.66 27.12
N LEU D 37 -15.91 -28.34 25.83
CA LEU D 37 -17.11 -27.89 25.15
C LEU D 37 -17.54 -29.00 24.18
N ASP D 38 -18.65 -29.65 24.50
CA ASP D 38 -19.15 -30.74 23.69
C ASP D 38 -19.94 -30.20 22.50
N LEU D 39 -19.49 -30.50 21.29
CA LEU D 39 -20.19 -30.11 20.08
C LEU D 39 -20.52 -31.33 19.22
N SER D 40 -20.88 -32.42 19.88
CA SER D 40 -21.22 -33.66 19.18
C SER D 40 -22.72 -33.72 18.94
N ALA D 41 -23.12 -34.37 17.86
CA ALA D 41 -24.53 -34.55 17.56
C ALA D 41 -25.21 -33.19 17.48
N LEU D 42 -24.65 -32.31 16.66
CA LEU D 42 -25.26 -31.01 16.43
C LEU D 42 -26.49 -31.18 15.57
N GLY D 43 -26.56 -32.31 14.87
CA GLY D 43 -27.68 -32.58 13.98
C GLY D 43 -28.96 -32.63 14.77
N THR D 44 -28.90 -33.22 15.96
CA THR D 44 -30.06 -33.24 16.84
C THR D 44 -29.92 -32.11 17.85
N ASP D 45 -30.75 -31.09 17.70
CA ASP D 45 -30.70 -29.94 18.59
C ASP D 45 -32.01 -29.16 18.56
N GLU D 46 -32.22 -28.33 19.57
CA GLU D 46 -33.39 -27.47 19.61
C GLU D 46 -33.35 -26.49 18.44
N THR D 47 -32.17 -25.95 18.16
CA THR D 47 -32.00 -24.99 17.06
C THR D 47 -33.09 -23.93 17.09
N SER D 58 -26.80 -31.74 9.05
CA SER D 58 -26.48 -30.36 8.72
C SER D 58 -24.98 -30.19 8.47
N LEU D 59 -24.23 -29.96 9.53
CA LEU D 59 -22.78 -29.80 9.42
C LEU D 59 -22.40 -28.68 8.46
N ALA D 60 -23.11 -27.56 8.51
CA ALA D 60 -22.85 -26.44 7.62
C ALA D 60 -21.78 -25.50 8.16
N GLU D 61 -21.00 -24.93 7.25
CA GLU D 61 -19.94 -23.99 7.58
C GLU D 61 -20.54 -22.71 8.13
N LYS D 62 -21.50 -22.14 7.40
CA LYS D 62 -22.16 -20.91 7.78
C LYS D 62 -22.67 -20.97 9.23
N SER D 63 -23.26 -22.09 9.59
CA SER D 63 -23.81 -22.26 10.93
C SER D 63 -22.70 -22.47 11.96
N PHE D 64 -21.65 -23.19 11.57
CA PHE D 64 -20.57 -23.48 12.50
C PHE D 64 -19.76 -22.23 12.82
N LYS D 65 -19.62 -21.34 11.83
CA LYS D 65 -18.90 -20.09 12.02
C LYS D 65 -19.62 -19.23 13.04
N ALA D 66 -20.95 -19.36 13.07
CA ALA D 66 -21.78 -18.61 14.01
C ALA D 66 -21.48 -19.04 15.44
N LEU D 67 -21.28 -20.33 15.65
CA LEU D 67 -20.98 -20.85 16.97
C LEU D 67 -19.68 -20.24 17.50
N MET D 68 -18.63 -20.28 16.69
CA MET D 68 -17.35 -19.69 17.08
C MET D 68 -17.49 -18.19 17.31
N HIS D 69 -18.33 -17.54 16.52
CA HIS D 69 -18.65 -16.13 16.72
C HIS D 69 -19.23 -15.93 18.12
N LEU D 70 -20.10 -16.84 18.53
CA LEU D 70 -20.73 -16.77 19.83
C LEU D 70 -19.74 -17.01 20.97
N VAL D 71 -18.86 -18.00 20.79
CA VAL D 71 -17.90 -18.38 21.83
C VAL D 71 -16.90 -17.27 22.14
N SER D 72 -16.38 -16.64 21.10
CA SER D 72 -15.33 -15.63 21.27
C SER D 72 -15.83 -14.40 22.00
N ASN D 73 -17.06 -13.98 21.69
CA ASN D 73 -17.65 -12.80 22.31
C ASN D 73 -17.91 -12.99 23.81
N GLU D 74 -18.08 -14.24 24.22
CA GLU D 74 -18.38 -14.56 25.62
C GLU D 74 -17.24 -14.13 26.55
N TYR D 75 -16.00 -14.30 26.07
CA TYR D 75 -14.81 -13.98 26.87
C TYR D 75 -14.11 -12.75 26.32
N LYS D 76 -13.99 -11.71 27.15
CA LYS D 76 -13.30 -10.49 26.78
C LYS D 76 -11.79 -10.72 26.64
N ASP D 77 -11.25 -11.59 27.50
CA ASP D 77 -9.83 -11.89 27.53
C ASP D 77 -9.52 -13.11 26.65
N PRO D 78 -8.60 -12.98 25.68
CA PRO D 78 -8.27 -14.17 24.90
C PRO D 78 -7.63 -15.29 25.73
N GLU D 79 -6.84 -14.95 26.74
CA GLU D 79 -6.24 -15.95 27.62
C GLU D 79 -7.27 -16.72 28.43
N GLN D 80 -8.32 -16.04 28.86
CA GLN D 80 -9.37 -16.68 29.65
C GLN D 80 -10.09 -17.75 28.81
N LYS D 81 -10.29 -17.44 27.54
CA LYS D 81 -10.94 -18.37 26.62
C LYS D 81 -10.12 -19.65 26.47
N ASN D 82 -8.80 -19.50 26.36
CA ASN D 82 -7.90 -20.65 26.29
C ASN D 82 -7.97 -21.44 27.59
N GLU D 83 -8.02 -20.74 28.72
CA GLU D 83 -8.13 -21.35 30.04
C GLU D 83 -9.52 -21.98 30.22
N ALA D 84 -10.53 -21.32 29.69
CA ALA D 84 -11.91 -21.77 29.83
C ALA D 84 -12.14 -23.09 29.08
N ILE D 85 -11.66 -23.14 27.84
CA ILE D 85 -11.85 -24.32 26.99
C ILE D 85 -10.51 -24.94 26.63
N GLN D 86 -10.28 -26.15 27.11
CA GLN D 86 -9.06 -26.89 26.83
C GLN D 86 -9.38 -28.14 26.00
N ALA D 87 -10.67 -28.44 25.86
CA ALA D 87 -11.11 -29.63 25.13
C ALA D 87 -12.38 -29.33 24.33
N VAL D 88 -12.53 -30.02 23.21
CA VAL D 88 -13.72 -29.89 22.37
C VAL D 88 -14.04 -31.24 21.72
N SER D 89 -15.31 -31.49 21.46
CA SER D 89 -15.74 -32.72 20.80
C SER D 89 -16.62 -32.41 19.60
N LEU D 90 -16.18 -32.87 18.43
CA LEU D 90 -16.93 -32.68 17.18
C LEU D 90 -17.45 -34.02 16.68
N ALA D 91 -17.60 -34.97 17.59
CA ALA D 91 -17.95 -36.34 17.22
C ALA D 91 -19.39 -36.49 16.74
N ARG D 92 -19.64 -37.53 15.94
CA ARG D 92 -20.98 -37.91 15.53
C ARG D 92 -21.72 -36.79 14.77
N ASN D 93 -20.96 -35.97 14.04
CA ASN D 93 -21.52 -34.90 13.21
C ASN D 93 -21.49 -35.23 11.72
N ASP D 94 -20.92 -36.39 11.38
CA ASP D 94 -20.82 -36.82 9.99
C ASP D 94 -20.11 -35.77 9.13
N ILE D 95 -18.91 -35.40 9.55
CA ILE D 95 -18.14 -34.35 8.88
C ILE D 95 -17.22 -34.96 7.82
N LEU D 96 -17.47 -34.59 6.57
CA LEU D 96 -16.71 -35.13 5.43
C LEU D 96 -15.31 -34.52 5.32
N ASP D 97 -15.18 -33.28 5.78
CA ASP D 97 -13.92 -32.55 5.66
C ASP D 97 -13.78 -31.55 6.80
N VAL D 98 -12.55 -31.34 7.26
CA VAL D 98 -12.29 -30.41 8.35
C VAL D 98 -12.61 -28.97 7.94
N GLY D 99 -12.66 -28.74 6.64
CA GLY D 99 -12.97 -27.42 6.11
C GLY D 99 -14.31 -26.91 6.62
N GLN D 100 -15.21 -27.84 6.92
CA GLN D 100 -16.50 -27.47 7.49
C GLN D 100 -16.31 -26.90 8.89
N VAL D 101 -15.30 -27.42 9.59
CA VAL D 101 -15.03 -27.02 10.97
C VAL D 101 -13.66 -26.35 11.12
N TYR D 102 -13.18 -25.73 10.04
CA TYR D 102 -11.86 -25.11 10.02
C TYR D 102 -11.72 -24.01 11.07
N SER D 103 -12.81 -23.30 11.33
CA SER D 103 -12.81 -22.14 12.22
C SER D 103 -12.30 -22.47 13.62
N LEU D 104 -12.37 -23.74 14.00
CA LEU D 104 -11.96 -24.16 15.33
C LEU D 104 -10.49 -23.87 15.59
N ALA D 105 -9.66 -24.02 14.56
CA ALA D 105 -8.23 -23.79 14.68
C ALA D 105 -7.93 -22.33 15.01
N VAL D 106 -8.58 -21.43 14.30
CA VAL D 106 -8.41 -20.00 14.51
C VAL D 106 -8.98 -19.55 15.85
N THR D 107 -10.14 -20.08 16.20
CA THR D 107 -10.83 -19.68 17.41
C THR D 107 -10.13 -20.18 18.67
N LEU D 108 -9.74 -21.46 18.65
CA LEU D 108 -9.09 -22.10 19.79
C LEU D 108 -7.74 -22.69 19.39
N PRO D 109 -6.71 -21.84 19.26
CA PRO D 109 -5.39 -22.29 18.82
C PRO D 109 -4.66 -23.08 19.91
N ARG D 110 -5.01 -22.84 21.17
CA ARG D 110 -4.36 -23.52 22.29
C ARG D 110 -5.20 -24.69 22.79
N LEU D 111 -6.02 -25.25 21.92
CA LEU D 111 -6.85 -26.39 22.27
C LEU D 111 -6.00 -27.62 22.52
N ARG D 112 -6.12 -28.18 23.73
CA ARG D 112 -5.33 -29.33 24.15
C ARG D 112 -5.92 -30.67 23.71
N ARG D 113 -7.25 -30.77 23.73
CA ARG D 113 -7.93 -32.03 23.43
C ARG D 113 -9.01 -31.87 22.35
N LEU D 114 -9.06 -32.82 21.42
CA LEU D 114 -10.08 -32.81 20.37
C LEU D 114 -10.61 -34.22 20.10
N ASP D 115 -11.92 -34.30 19.84
CA ASP D 115 -12.58 -35.58 19.53
C ASP D 115 -13.33 -35.49 18.20
N LEU D 116 -12.95 -36.36 17.27
CA LEU D 116 -13.53 -36.38 15.92
C LEU D 116 -14.16 -37.74 15.62
N SER D 117 -14.47 -38.51 16.65
CA SER D 117 -14.99 -39.85 16.48
C SER D 117 -16.38 -39.87 15.87
N GLY D 118 -16.81 -41.04 15.40
CA GLY D 118 -18.15 -41.22 14.89
C GLY D 118 -18.47 -40.39 13.66
N ASN D 119 -17.44 -39.84 13.03
CA ASN D 119 -17.61 -39.06 11.79
C ASN D 119 -17.11 -39.83 10.59
N ASN D 120 -17.35 -39.28 9.40
CA ASN D 120 -16.93 -39.91 8.14
C ASN D 120 -15.84 -39.12 7.43
N LEU D 121 -14.58 -39.50 7.67
CA LEU D 121 -13.44 -38.87 7.00
C LEU D 121 -12.66 -39.90 6.19
N GLU D 122 -12.77 -39.79 4.86
CA GLU D 122 -12.30 -40.83 3.96
C GLU D 122 -10.80 -41.06 4.02
N ASN D 123 -10.03 -39.98 3.95
CA ASN D 123 -8.57 -40.11 3.91
C ASN D 123 -7.88 -38.86 4.44
N LEU D 124 -6.54 -38.88 4.36
CA LEU D 124 -5.71 -37.82 4.91
C LEU D 124 -5.96 -36.47 4.23
N SER D 125 -6.29 -36.51 2.94
CA SER D 125 -6.52 -35.29 2.16
C SER D 125 -7.59 -34.41 2.81
N LYS D 126 -8.51 -35.04 3.53
CA LYS D 126 -9.54 -34.32 4.27
C LYS D 126 -8.91 -33.57 5.44
N ILE D 127 -8.11 -34.27 6.22
CA ILE D 127 -7.45 -33.71 7.40
C ILE D 127 -6.33 -32.72 7.03
N SER D 128 -5.88 -32.77 5.77
CA SER D 128 -4.71 -32.03 5.34
C SER D 128 -4.79 -30.53 5.63
N LYS D 129 -6.00 -29.97 5.67
CA LYS D 129 -6.17 -28.55 5.92
C LYS D 129 -5.78 -28.19 7.35
N TRP D 130 -5.99 -29.12 8.28
CA TRP D 130 -5.66 -28.90 9.67
C TRP D 130 -4.23 -29.28 10.01
N GLN D 131 -3.47 -29.68 8.99
CA GLN D 131 -2.03 -29.82 9.15
C GLN D 131 -1.48 -28.41 9.31
N GLN D 132 -0.45 -28.26 10.13
CA GLN D 132 0.10 -26.94 10.47
C GLN D 132 -0.87 -26.16 11.34
N GLU D 133 -1.74 -26.86 12.05
CA GLU D 133 -2.68 -26.25 13.00
C GLU D 133 -2.73 -27.07 14.28
N PHE D 134 -3.24 -26.46 15.35
CA PHE D 134 -3.38 -27.13 16.65
C PHE D 134 -2.05 -27.71 17.15
N ARG D 135 -1.01 -26.89 17.20
CA ARG D 135 0.32 -27.34 17.62
C ARG D 135 0.29 -27.90 19.05
N PHE D 136 -0.43 -27.22 19.93
CA PHE D 136 -0.46 -27.59 21.34
C PHE D 136 -1.28 -28.84 21.63
N LEU D 137 -2.20 -29.19 20.73
CA LEU D 137 -3.04 -30.37 20.87
C LEU D 137 -2.30 -31.58 21.42
N GLU D 138 -2.83 -32.16 22.50
CA GLU D 138 -2.19 -33.29 23.17
C GLU D 138 -2.93 -34.60 22.88
N GLU D 139 -4.25 -34.51 22.71
CA GLU D 139 -5.08 -35.68 22.44
C GLU D 139 -5.92 -35.49 21.19
N LEU D 140 -5.99 -36.53 20.36
CA LEU D 140 -6.84 -36.54 19.17
C LEU D 140 -7.46 -37.92 18.99
N HIS D 141 -8.77 -37.94 18.70
CA HIS D 141 -9.48 -39.19 18.48
C HIS D 141 -10.14 -39.23 17.10
N LEU D 142 -9.63 -40.10 16.24
CA LEU D 142 -10.14 -40.26 14.88
C LEU D 142 -10.76 -41.65 14.71
N THR D 143 -11.12 -42.28 15.81
CA THR D 143 -11.75 -43.59 15.78
C THR D 143 -13.11 -43.51 15.09
N GLY D 144 -13.47 -44.56 14.37
CA GLY D 144 -14.74 -44.60 13.65
C GLY D 144 -14.69 -43.86 12.33
N ASN D 145 -13.49 -43.44 11.92
CA ASN D 145 -13.29 -42.80 10.63
C ASN D 145 -12.55 -43.73 9.68
N PRO D 146 -12.90 -43.70 8.37
CA PRO D 146 -12.20 -44.51 7.37
C PRO D 146 -10.70 -44.25 7.31
N VAL D 147 -10.28 -43.06 7.73
CA VAL D 147 -8.88 -42.66 7.63
C VAL D 147 -7.96 -43.54 8.48
N THR D 148 -8.52 -44.14 9.53
CA THR D 148 -7.73 -44.95 10.46
C THR D 148 -7.08 -46.17 9.81
N THR D 149 -7.73 -46.71 8.77
CA THR D 149 -7.28 -47.94 8.14
C THR D 149 -5.98 -47.80 7.35
N LEU D 150 -5.69 -46.60 6.85
CA LEU D 150 -4.52 -46.37 6.00
C LEU D 150 -3.23 -46.65 6.77
N PRO D 151 -2.18 -47.08 6.06
CA PRO D 151 -0.89 -47.43 6.69
C PRO D 151 -0.14 -46.23 7.25
N ASN D 152 -0.17 -45.13 6.50
CA ASN D 152 0.56 -43.92 6.90
C ASN D 152 -0.25 -43.04 7.86
N TYR D 153 -1.42 -43.51 8.26
CA TYR D 153 -2.30 -42.76 9.16
C TYR D 153 -1.60 -42.42 10.48
N ALA D 154 -0.99 -43.43 11.10
CA ALA D 154 -0.33 -43.25 12.38
C ALA D 154 0.85 -42.31 12.27
N THR D 155 1.64 -42.47 11.20
CA THR D 155 2.83 -41.68 11.00
C THR D 155 2.51 -40.22 10.72
N GLU D 156 1.59 -39.98 9.77
CA GLU D 156 1.30 -38.63 9.32
C GLU D 156 0.73 -37.76 10.44
N ILE D 157 -0.23 -38.28 11.19
CA ILE D 157 -0.84 -37.52 12.28
C ILE D 157 0.20 -37.14 13.32
N LYS D 158 1.16 -38.02 13.57
CA LYS D 158 2.21 -37.78 14.55
C LYS D 158 3.09 -36.59 14.17
N LYS D 159 3.49 -36.53 12.90
CA LYS D 159 4.38 -35.47 12.42
C LYS D 159 3.65 -34.13 12.36
N TRP D 160 2.38 -34.17 11.98
CA TRP D 160 1.58 -32.96 11.79
C TRP D 160 1.38 -32.17 13.08
N PHE D 161 1.21 -32.89 14.19
CA PHE D 161 1.02 -32.28 15.50
C PHE D 161 2.15 -32.68 16.45
N PRO D 162 3.09 -31.75 16.72
CA PRO D 162 4.20 -32.09 17.61
C PRO D 162 3.81 -32.44 19.04
N SER D 163 2.93 -31.64 19.63
CA SER D 163 2.56 -31.81 21.04
C SER D 163 1.73 -33.07 21.28
N LEU D 164 0.97 -33.49 20.26
CA LEU D 164 0.09 -34.65 20.37
C LEU D 164 0.78 -35.87 21.01
N GLN D 165 0.27 -36.28 22.17
CA GLN D 165 0.83 -37.39 22.92
C GLN D 165 -0.06 -38.64 22.83
N ILE D 166 -1.36 -38.42 22.66
CA ILE D 166 -2.33 -39.50 22.62
C ILE D 166 -3.09 -39.50 21.30
N LEU D 167 -3.11 -40.65 20.63
CA LEU D 167 -3.88 -40.83 19.40
C LEU D 167 -4.75 -42.07 19.54
N ASP D 168 -6.06 -41.90 19.43
CA ASP D 168 -7.01 -42.99 19.56
C ASP D 168 -6.86 -43.71 20.90
N GLY D 169 -6.55 -42.94 21.94
CA GLY D 169 -6.41 -43.48 23.28
C GLY D 169 -5.10 -44.19 23.56
N GLN D 170 -4.14 -44.06 22.62
CA GLN D 170 -2.84 -44.72 22.73
C GLN D 170 -1.69 -43.71 22.71
N GLN D 171 -0.76 -43.87 23.66
CA GLN D 171 0.37 -42.94 23.80
C GLN D 171 1.37 -43.07 22.67
N ILE D 172 1.59 -41.97 21.94
CA ILE D 172 2.55 -41.93 20.84
C ILE D 172 3.79 -41.13 21.23
N ARG D 173 3.68 -40.34 22.29
CA ARG D 173 4.80 -39.53 22.78
C ARG D 173 4.76 -39.38 24.29
N THR D 174 5.93 -39.30 24.92
CA THR D 174 6.02 -39.00 26.34
C THR D 174 5.87 -37.49 26.53
N PRO D 175 5.49 -37.06 27.75
CA PRO D 175 5.33 -35.63 28.01
C PRO D 175 6.57 -34.79 27.68
N GLN D 176 7.75 -35.25 28.07
CA GLN D 176 8.99 -34.56 27.71
C GLN D 176 9.28 -34.61 26.21
N GLU D 177 9.03 -35.75 25.58
CA GLU D 177 9.26 -35.89 24.15
C GLU D 177 8.35 -34.93 23.38
N ALA D 178 7.12 -34.77 23.88
CA ALA D 178 6.16 -33.86 23.28
C ALA D 178 6.63 -32.42 23.41
N ALA D 179 7.19 -32.10 24.59
CA ALA D 179 7.70 -30.77 24.87
C ALA D 179 8.89 -30.43 23.97
N GLU D 180 9.79 -31.40 23.82
CA GLU D 180 10.97 -31.24 22.97
C GLU D 180 10.58 -31.10 21.50
N SER D 181 9.58 -31.86 21.09
CA SER D 181 9.11 -31.82 19.70
C SER D 181 8.48 -30.46 19.38
N LEU D 182 7.67 -29.95 20.31
CA LEU D 182 7.04 -28.66 20.15
C LEU D 182 8.06 -27.54 20.11
N LYS D 183 9.04 -27.62 21.01
CA LYS D 183 10.08 -26.61 21.12
C LYS D 183 10.91 -26.54 19.84
N SER D 184 11.02 -27.67 19.15
CA SER D 184 11.80 -27.76 17.92
C SER D 184 10.99 -27.30 16.71
#